data_3NIV
#
_entry.id   3NIV
#
_cell.length_a   51.484
_cell.length_b   55.043
_cell.length_c   84.723
_cell.angle_alpha   71.99
_cell.angle_beta   84.33
_cell.angle_gamma   68.79
#
_symmetry.space_group_name_H-M   'P 1'
#
loop_
_entity.id
_entity.type
_entity.pdbx_description
1 polymer 'Glutathione S-transferase'
2 water water
#
_entity_poly.entity_id   1
_entity_poly.type   'polypeptide(L)'
_entity_poly.pdbx_seq_one_letter_code
;(MSE)SLILYDYFRSTACYRVRIALNLKKIAYEKIEVHLVNNGGEQHSLQYHQINPQELVPSLDINGQILSQS(MSE)AI
IDYLEEIHPE(MSE)PLLPKDPF(MSE)KATLKS(MSE)ALIVACD(MSE)HPLNNLRVLNRLKEQFNANEEQVLEWYHH
WLKTGFDAFEEKLGALERDKPVCFGSEVGLADVCLIPQVYNAHRFHFD(MSE)ASYPIINEINEYCLTLPAFHDAAPEAI
SSEGHHHHHH
;
_entity_poly.pdbx_strand_id   A,B,C,D
#
# COMPACT_ATOMS: atom_id res chain seq x y z
N ILE A 4 14.67 29.32 29.61
CA ILE A 4 14.86 30.51 28.81
C ILE A 4 14.56 30.33 27.32
N LEU A 5 13.50 30.97 26.84
CA LEU A 5 13.22 31.04 25.41
C LEU A 5 13.77 32.33 24.82
N TYR A 6 14.56 32.23 23.76
CA TYR A 6 14.96 33.41 23.00
C TYR A 6 13.95 33.59 21.87
N ASP A 7 13.36 34.78 21.80
CA ASP A 7 12.14 34.97 21.03
C ASP A 7 12.16 36.19 20.10
N TYR A 8 11.69 35.97 18.88
CA TYR A 8 11.41 37.06 17.96
C TYR A 8 9.91 37.12 17.67
N PHE A 9 9.31 38.28 17.88
CA PHE A 9 7.85 38.34 17.90
C PHE A 9 7.20 38.16 16.52
N ARG A 10 7.93 38.46 15.46
CA ARG A 10 7.40 38.27 14.12
C ARG A 10 7.64 36.88 13.55
N SER A 11 8.23 35.99 14.35
CA SER A 11 8.60 34.68 13.87
C SER A 11 7.48 33.65 14.01
N THR A 12 7.12 33.02 12.91
CA THR A 12 6.17 31.89 12.93
C THR A 12 6.70 30.74 13.78
N ALA A 13 7.94 30.32 13.51
CA ALA A 13 8.57 29.28 14.31
C ALA A 13 8.41 29.60 15.79
N CYS A 14 8.68 30.85 16.15
CA CYS A 14 8.59 31.27 17.56
C CYS A 14 7.17 31.22 18.10
N TYR A 15 6.21 31.44 17.21
CA TYR A 15 4.80 31.39 17.59
C TYR A 15 4.46 29.95 17.99
N ARG A 16 4.86 28.98 17.18
CA ARG A 16 4.67 27.57 17.54
C ARG A 16 5.20 27.26 18.94
N VAL A 17 6.47 27.59 19.15
CA VAL A 17 7.06 27.34 20.45
C VAL A 17 6.26 27.98 21.56
N ARG A 18 5.88 29.25 21.38
CA ARG A 18 5.12 29.95 22.41
C ARG A 18 3.82 29.23 22.78
N ILE A 19 3.07 28.79 21.76
CA ILE A 19 1.86 27.98 22.00
C ILE A 19 2.17 26.69 22.75
N ALA A 20 3.16 25.94 22.28
CA ALA A 20 3.54 24.68 22.89
C ALA A 20 3.84 24.86 24.37
N LEU A 21 4.56 25.93 24.71
CA LEU A 21 4.94 26.17 26.09
C LEU A 21 3.72 26.45 26.97
N ASN A 22 2.72 27.10 26.40
CA ASN A 22 1.51 27.41 27.14
C ASN A 22 0.66 26.18 27.33
N LEU A 23 0.33 25.52 26.24
CA LEU A 23 -0.52 24.34 26.27
C LEU A 23 -0.14 23.36 27.38
N LYS A 24 1.13 23.06 27.49
CA LYS A 24 1.59 22.09 28.48
C LYS A 24 2.01 22.80 29.76
N LYS A 25 1.55 24.04 29.90
CA LYS A 25 1.73 24.81 31.12
C LYS A 25 3.14 24.74 31.69
N ILE A 26 4.13 24.84 30.83
CA ILE A 26 5.51 24.84 31.28
C ILE A 26 5.94 26.24 31.68
N ALA A 27 6.46 26.37 32.89
CA ALA A 27 7.06 27.63 33.34
C ALA A 27 8.38 27.89 32.62
N TYR A 28 8.42 29.00 31.88
CA TYR A 28 9.65 29.42 31.23
C TYR A 28 9.86 30.90 31.37
N GLU A 29 10.76 31.42 30.53
CA GLU A 29 11.23 32.79 30.66
C GLU A 29 11.66 33.33 29.31
N LYS A 30 10.99 34.38 28.86
CA LYS A 30 11.13 34.90 27.51
C LYS A 30 12.23 35.95 27.39
N ILE A 31 12.87 35.99 26.24
CA ILE A 31 13.91 36.96 25.96
C ILE A 31 13.76 37.48 24.54
N GLU A 32 13.23 38.70 24.42
CA GLU A 32 12.91 39.25 23.11
C GLU A 32 14.10 39.88 22.42
N VAL A 33 14.41 39.36 21.23
CA VAL A 33 15.51 39.86 20.43
C VAL A 33 15.06 40.14 19.00
N HIS A 34 15.98 40.57 18.15
CA HIS A 34 15.69 40.87 16.75
C HIS A 34 15.98 39.70 15.78
N LEU A 35 16.97 39.87 14.91
CA LEU A 35 17.23 38.87 13.88
C LEU A 35 18.71 38.68 13.57
N LEU A 55 19.93 32.45 16.82
CA LEU A 55 18.89 31.58 16.31
C LEU A 55 17.59 31.70 17.09
N VAL A 56 16.51 31.97 16.36
CA VAL A 56 15.18 32.00 16.94
C VAL A 56 14.27 31.07 16.16
N PRO A 57 13.47 30.28 16.87
CA PRO A 57 13.55 30.22 18.32
C PRO A 57 14.74 29.38 18.75
N SER A 58 15.20 29.62 19.97
CA SER A 58 16.20 28.76 20.57
C SER A 58 15.96 28.73 22.06
N LEU A 59 16.17 27.56 22.65
CA LEU A 59 15.91 27.34 24.05
C LEU A 59 17.24 27.21 24.78
N ASP A 60 17.40 27.94 25.88
CA ASP A 60 18.57 27.75 26.71
C ASP A 60 18.21 26.95 27.95
N ILE A 61 18.86 25.80 28.09
CA ILE A 61 18.63 24.87 29.18
C ILE A 61 19.89 24.79 30.03
N ASN A 62 19.96 25.62 31.06
CA ASN A 62 21.12 25.69 31.92
C ASN A 62 22.41 25.75 31.11
N GLY A 63 22.48 26.71 30.19
CA GLY A 63 23.69 26.91 29.42
C GLY A 63 23.64 26.19 28.09
N GLN A 64 22.87 25.09 28.04
CA GLN A 64 22.75 24.31 26.81
C GLN A 64 21.67 24.84 25.86
N ILE A 65 22.09 25.20 24.64
CA ILE A 65 21.20 25.82 23.68
C ILE A 65 20.69 24.86 22.61
N LEU A 66 19.40 24.95 22.33
CA LEU A 66 18.73 24.07 21.38
C LEU A 66 17.86 24.85 20.38
N SER A 67 18.07 24.60 19.10
CA SER A 67 17.35 25.28 18.02
C SER A 67 16.34 24.37 17.34
N GLN A 68 15.62 24.95 16.39
CA GLN A 68 14.63 24.25 15.56
C GLN A 68 13.35 24.00 16.33
N SER A 69 12.31 24.75 15.96
CA SER A 69 11.03 24.72 16.67
C SER A 69 10.44 23.32 16.85
N MSE A 70 10.48 22.50 15.80
CA MSE A 70 9.98 21.12 15.93
C MSE A 70 10.82 20.31 16.93
O MSE A 70 10.28 19.54 17.73
CB MSE A 70 9.92 20.43 14.58
CG MSE A 70 9.13 21.20 13.55
SE MSE A 70 7.33 21.68 14.18
CE MSE A 70 6.48 19.91 14.01
N ALA A 71 12.13 20.50 16.88
CA ALA A 71 13.03 19.86 17.82
C ALA A 71 12.80 20.35 19.23
N ILE A 72 12.63 21.66 19.37
CA ILE A 72 12.36 22.27 20.68
C ILE A 72 11.09 21.68 21.29
N ILE A 73 10.07 21.54 20.45
CA ILE A 73 8.78 21.09 20.94
C ILE A 73 8.85 19.62 21.40
N ASP A 74 9.53 18.80 20.62
CA ASP A 74 9.70 17.39 20.96
C ASP A 74 10.46 17.20 22.27
N TYR A 75 11.43 18.08 22.52
CA TYR A 75 12.14 18.10 23.79
C TYR A 75 11.17 18.36 24.94
N LEU A 76 10.42 19.46 24.84
CA LEU A 76 9.43 19.77 25.85
C LEU A 76 8.54 18.57 26.08
N GLU A 77 7.99 18.05 24.99
CA GLU A 77 7.12 16.88 25.02
C GLU A 77 7.76 15.71 25.78
N GLU A 78 9.08 15.60 25.72
CA GLU A 78 9.77 14.47 26.34
C GLU A 78 10.01 14.68 27.84
N ILE A 79 10.45 15.88 28.21
CA ILE A 79 10.69 16.18 29.62
C ILE A 79 9.40 16.53 30.36
N HIS A 80 8.39 16.99 29.62
CA HIS A 80 7.10 17.31 30.22
CA HIS A 80 7.09 17.32 30.21
C HIS A 80 5.99 16.57 29.48
N PRO A 81 5.90 15.25 29.71
CA PRO A 81 4.93 14.33 29.09
C PRO A 81 3.49 14.71 29.37
N GLU A 82 3.22 15.39 30.47
CA GLU A 82 1.86 15.85 30.77
C GLU A 82 1.39 16.86 29.72
N MSE A 83 0.07 16.92 29.53
CA MSE A 83 -0.53 17.69 28.45
C MSE A 83 0.09 17.27 27.13
O MSE A 83 0.71 18.06 26.43
CB MSE A 83 -0.34 19.20 28.66
CG MSE A 83 -1.56 19.91 29.25
SE MSE A 83 -1.77 19.62 31.18
CE MSE A 83 0.02 20.11 31.79
N PRO A 84 -0.09 15.98 26.78
CA PRO A 84 0.47 15.44 25.55
C PRO A 84 -0.01 16.25 24.35
N LEU A 85 0.89 16.53 23.43
CA LEU A 85 0.53 17.20 22.18
C LEU A 85 0.26 16.17 21.10
N LEU A 86 0.40 14.90 21.46
CA LEU A 86 0.17 13.82 20.52
C LEU A 86 -0.51 12.63 21.18
N PRO A 87 -1.36 11.93 20.41
CA PRO A 87 -2.02 10.69 20.83
C PRO A 87 -1.00 9.59 21.17
N LYS A 88 -1.46 8.51 21.82
CA LYS A 88 -0.58 7.39 22.11
C LYS A 88 -0.40 6.44 20.92
N ASP A 89 -1.49 6.17 20.20
CA ASP A 89 -1.43 5.29 19.03
C ASP A 89 -0.30 5.69 18.08
N PRO A 90 0.72 4.82 17.96
CA PRO A 90 1.90 5.09 17.13
C PRO A 90 1.55 5.58 15.74
N PHE A 91 0.50 5.04 15.13
CA PHE A 91 0.13 5.48 13.79
C PHE A 91 -0.49 6.89 13.76
N MSE A 92 -1.44 7.14 14.67
CA MSE A 92 -2.05 8.46 14.77
C MSE A 92 -1.04 9.52 15.14
O MSE A 92 -1.06 10.63 14.62
CB MSE A 92 -3.18 8.46 15.81
CG MSE A 92 -4.50 8.05 15.23
SE MSE A 92 -4.80 8.89 13.48
CE MSE A 92 -4.73 10.77 14.04
N LYS A 93 -0.13 9.16 16.03
CA LYS A 93 0.92 10.07 16.43
C LYS A 93 1.73 10.49 15.21
N ALA A 94 2.10 9.51 14.39
CA ALA A 94 2.92 9.78 13.22
C ALA A 94 2.11 10.57 12.17
N THR A 95 0.81 10.31 12.14
CA THR A 95 -0.04 10.91 11.13
C THR A 95 -0.22 12.39 11.40
N LEU A 96 -0.43 12.74 12.66
CA LEU A 96 -0.53 14.12 13.07
C LEU A 96 0.81 14.85 12.84
N LYS A 97 1.89 14.17 13.19
CA LYS A 97 3.25 14.69 12.99
C LYS A 97 3.46 15.11 11.54
N SER A 98 3.09 14.23 10.63
CA SER A 98 3.31 14.51 9.22
C SER A 98 2.47 15.71 8.76
N MSE A 99 1.40 15.99 9.47
CA MSE A 99 0.58 17.13 9.11
C MSE A 99 1.24 18.40 9.57
O MSE A 99 1.23 19.40 8.88
CB MSE A 99 -0.82 16.97 9.69
CG MSE A 99 -1.61 15.89 8.98
SE MSE A 99 -3.24 15.44 9.90
CE MSE A 99 -4.17 17.18 9.73
N ALA A 100 1.84 18.34 10.76
CA ALA A 100 2.65 19.45 11.24
C ALA A 100 3.85 19.68 10.30
N LEU A 101 4.35 18.61 9.70
CA LEU A 101 5.48 18.73 8.77
C LEU A 101 5.07 19.38 7.45
N ILE A 102 3.85 19.08 7.02
CA ILE A 102 3.32 19.73 5.82
C ILE A 102 3.47 21.25 5.94
N VAL A 103 3.26 21.77 7.14
CA VAL A 103 3.33 23.20 7.37
C VAL A 103 4.77 23.61 7.52
N ALA A 104 5.48 22.89 8.39
CA ALA A 104 6.83 23.24 8.74
C ALA A 104 7.88 22.84 7.70
N CYS A 105 7.53 21.99 6.76
CA CYS A 105 8.49 21.55 5.73
C CYS A 105 8.07 21.93 4.32
N ASP A 106 6.78 21.83 4.06
CA ASP A 106 6.26 22.03 2.70
C ASP A 106 5.64 23.40 2.52
N MSE A 107 5.68 24.24 3.54
CA MSE A 107 5.05 25.56 3.42
C MSE A 107 5.93 26.67 3.97
O MSE A 107 6.40 27.53 3.22
CB MSE A 107 3.69 25.60 4.13
CG MSE A 107 2.67 24.56 3.68
SE MSE A 107 0.89 24.87 4.56
CE MSE A 107 0.69 26.75 4.04
N HIS A 108 6.14 26.68 5.28
CA HIS A 108 6.87 27.78 5.88
C HIS A 108 8.25 28.05 5.24
N PRO A 109 9.07 27.00 5.05
CA PRO A 109 10.41 27.24 4.48
C PRO A 109 10.39 28.08 3.21
N LEU A 110 9.42 27.81 2.32
CA LEU A 110 9.31 28.54 1.06
C LEU A 110 9.01 30.04 1.20
N ASN A 111 8.36 30.43 2.29
CA ASN A 111 7.88 31.80 2.47
C ASN A 111 8.66 32.62 3.49
N ASN A 112 9.70 32.00 4.03
CA ASN A 112 10.56 32.68 4.99
C ASN A 112 11.09 33.98 4.38
N LEU A 113 11.32 34.97 5.21
CA LEU A 113 11.76 36.28 4.75
C LEU A 113 12.97 36.12 3.85
N ARG A 114 13.86 35.22 4.24
CA ARG A 114 15.11 34.95 3.54
C ARG A 114 14.83 34.50 2.11
N VAL A 115 13.73 33.77 1.92
CA VAL A 115 13.41 33.30 0.58
C VAL A 115 12.80 34.42 -0.27
N LEU A 116 11.96 35.22 0.35
CA LEU A 116 11.35 36.31 -0.37
C LEU A 116 12.43 37.27 -0.82
N ASN A 117 13.45 37.45 0.01
CA ASN A 117 14.55 38.36 -0.32
C ASN A 117 15.44 37.82 -1.43
N ARG A 118 15.61 36.51 -1.49
CA ARG A 118 16.35 35.90 -2.57
C ARG A 118 15.62 36.12 -3.89
N LEU A 119 14.29 36.09 -3.86
CA LEU A 119 13.51 36.32 -5.07
C LEU A 119 13.72 37.74 -5.54
N LYS A 120 13.79 38.66 -4.58
CA LYS A 120 14.03 40.06 -4.88
C LYS A 120 15.46 40.31 -5.36
N GLU A 121 16.44 39.72 -4.70
CA GLU A 121 17.82 39.87 -5.15
C GLU A 121 17.98 39.25 -6.54
N GLN A 122 17.87 37.93 -6.61
CA GLN A 122 18.12 37.20 -7.86
C GLN A 122 17.22 37.63 -9.00
N PHE A 123 15.97 37.91 -8.68
CA PHE A 123 14.98 38.05 -9.74
C PHE A 123 14.28 39.39 -9.71
N ASN A 124 14.70 40.26 -8.79
CA ASN A 124 14.06 41.55 -8.62
C ASN A 124 12.56 41.39 -8.65
N ALA A 125 12.06 40.40 -7.92
CA ALA A 125 10.62 40.18 -7.80
C ALA A 125 9.89 41.45 -7.31
N ASN A 126 8.90 41.90 -8.08
CA ASN A 126 8.07 43.01 -7.67
C ASN A 126 7.07 42.50 -6.64
N GLU A 127 6.25 43.38 -6.11
CA GLU A 127 5.33 43.01 -5.04
C GLU A 127 4.29 41.96 -5.45
N GLU A 128 3.70 42.08 -6.63
CA GLU A 128 2.71 41.07 -7.07
C GLU A 128 3.35 39.70 -7.24
N GLN A 129 4.62 39.69 -7.66
CA GLN A 129 5.35 38.45 -7.83
C GLN A 129 5.60 37.75 -6.50
N VAL A 130 6.09 38.48 -5.50
CA VAL A 130 6.28 37.87 -4.21
C VAL A 130 4.96 37.32 -3.67
N LEU A 131 3.86 38.04 -3.91
CA LEU A 131 2.55 37.61 -3.46
C LEU A 131 2.06 36.34 -4.16
N GLU A 132 2.32 36.25 -5.46
CA GLU A 132 1.89 35.09 -6.23
C GLU A 132 2.64 33.83 -5.77
N TRP A 133 3.95 33.96 -5.60
CA TRP A 133 4.78 32.92 -5.03
C TRP A 133 4.22 32.51 -3.67
N TYR A 134 4.11 33.50 -2.80
CA TYR A 134 3.72 33.29 -1.42
C TYR A 134 2.37 32.59 -1.32
N HIS A 135 1.44 33.01 -2.17
CA HIS A 135 0.09 32.46 -2.20
C HIS A 135 0.09 31.07 -2.79
N HIS A 136 1.04 30.82 -3.68
CA HIS A 136 1.16 29.51 -4.32
C HIS A 136 1.41 28.38 -3.32
N TRP A 137 2.32 28.62 -2.38
CA TRP A 137 2.66 27.58 -1.41
C TRP A 137 1.58 27.50 -0.35
N LEU A 138 0.87 28.59 -0.14
CA LEU A 138 -0.27 28.54 0.77
C LEU A 138 -1.33 27.59 0.23
N LYS A 139 -1.67 27.74 -1.05
CA LYS A 139 -2.69 26.89 -1.66
C LYS A 139 -2.28 25.43 -1.60
N THR A 140 -1.05 25.15 -2.01
CA THR A 140 -0.57 23.79 -2.05
C THR A 140 -0.59 23.15 -0.67
N GLY A 141 -0.10 23.89 0.32
CA GLY A 141 -0.04 23.42 1.69
C GLY A 141 -1.38 23.28 2.37
N PHE A 142 -2.29 24.21 2.14
CA PHE A 142 -3.61 24.11 2.74
C PHE A 142 -4.48 23.05 2.06
N ASP A 143 -4.33 22.90 0.75
CA ASP A 143 -5.00 21.82 0.04
C ASP A 143 -4.63 20.52 0.74
N ALA A 144 -3.34 20.26 0.86
CA ALA A 144 -2.89 18.98 1.39
C ALA A 144 -3.36 18.81 2.83
N PHE A 145 -3.25 19.87 3.60
CA PHE A 145 -3.64 19.81 5.00
C PHE A 145 -5.15 19.55 5.21
N GLU A 146 -5.98 20.21 4.41
CA GLU A 146 -7.42 20.08 4.60
C GLU A 146 -7.85 18.71 4.12
N GLU A 147 -7.14 18.22 3.12
CA GLU A 147 -7.27 16.86 2.64
C GLU A 147 -7.23 15.84 3.77
N LYS A 148 -6.08 15.73 4.43
CA LYS A 148 -5.91 14.71 5.44
C LYS A 148 -6.84 15.02 6.61
N LEU A 149 -7.13 16.31 6.77
CA LEU A 149 -8.04 16.77 7.80
C LEU A 149 -9.38 16.06 7.62
N GLY A 150 -9.80 15.97 6.36
CA GLY A 150 -11.07 15.36 6.01
C GLY A 150 -11.19 13.87 6.25
N ALA A 151 -10.09 13.21 6.63
CA ALA A 151 -10.15 11.77 6.88
C ALA A 151 -10.20 11.47 8.38
N LEU A 152 -10.12 12.51 9.19
CA LEU A 152 -10.11 12.33 10.65
C LEU A 152 -11.43 12.78 11.30
N GLU A 153 -11.65 12.27 12.50
CA GLU A 153 -12.83 12.60 13.26
C GLU A 153 -12.41 13.43 14.45
N ARG A 154 -13.33 14.28 14.92
CA ARG A 154 -13.04 15.20 16.01
C ARG A 154 -14.33 15.48 16.79
N ASP A 155 -14.18 15.88 18.05
CA ASP A 155 -15.31 16.24 18.91
C ASP A 155 -15.51 17.75 18.93
N LYS A 156 -14.47 18.45 18.52
CA LYS A 156 -14.48 19.90 18.45
C LYS A 156 -13.67 20.32 17.24
N PRO A 157 -13.51 21.64 17.03
CA PRO A 157 -12.64 22.13 15.95
C PRO A 157 -11.15 22.11 16.33
N VAL A 158 -10.61 20.90 16.45
CA VAL A 158 -9.19 20.65 16.53
C VAL A 158 -8.87 19.68 15.40
N CYS A 159 -7.58 19.43 15.17
CA CYS A 159 -7.17 18.63 14.03
C CYS A 159 -7.70 17.21 14.13
N PHE A 160 -7.64 16.65 15.34
CA PHE A 160 -8.03 15.28 15.57
C PHE A 160 -8.46 15.05 17.02
N GLY A 161 -9.60 14.41 17.20
CA GLY A 161 -9.99 14.00 18.54
C GLY A 161 -10.68 15.08 19.33
N SER A 162 -10.30 15.22 20.58
CA SER A 162 -11.01 16.11 21.50
C SER A 162 -10.02 16.97 22.29
N GLU A 163 -8.75 16.86 21.93
CA GLU A 163 -7.75 17.77 22.47
C GLU A 163 -6.90 18.40 21.38
N VAL A 164 -6.43 19.61 21.66
CA VAL A 164 -5.54 20.32 20.75
C VAL A 164 -4.18 19.63 20.73
N GLY A 165 -3.54 19.61 19.57
CA GLY A 165 -2.26 18.91 19.46
C GLY A 165 -1.22 19.61 18.63
N LEU A 166 -0.14 18.89 18.33
CA LEU A 166 0.97 19.39 17.54
C LEU A 166 0.54 19.98 16.21
N ALA A 167 -0.35 19.30 15.50
CA ALA A 167 -0.85 19.83 14.24
C ALA A 167 -1.55 21.18 14.43
N ASP A 168 -2.31 21.33 15.50
CA ASP A 168 -3.00 22.60 15.74
C ASP A 168 -1.96 23.67 16.10
N VAL A 169 -0.98 23.27 16.88
CA VAL A 169 0.09 24.17 17.28
C VAL A 169 0.80 24.75 16.07
N CYS A 170 0.98 23.95 15.02
CA CYS A 170 1.66 24.43 13.81
C CYS A 170 0.72 25.13 12.84
N LEU A 171 -0.57 24.77 12.90
CA LEU A 171 -1.56 25.29 11.97
C LEU A 171 -1.88 26.77 12.21
N ILE A 172 -2.11 27.12 13.47
CA ILE A 172 -2.51 28.48 13.80
C ILE A 172 -1.53 29.54 13.29
N PRO A 173 -0.22 29.39 13.58
CA PRO A 173 0.74 30.36 13.04
C PRO A 173 0.74 30.44 11.50
N GLN A 174 0.60 29.31 10.82
CA GLN A 174 0.53 29.31 9.37
C GLN A 174 -0.66 30.11 8.82
N VAL A 175 -1.81 29.98 9.48
CA VAL A 175 -3.03 30.65 9.04
C VAL A 175 -2.91 32.16 9.31
N TYR A 176 -2.27 32.50 10.41
CA TYR A 176 -1.91 33.88 10.72
C TYR A 176 -1.15 34.51 9.55
N ASN A 177 -0.09 33.85 9.09
CA ASN A 177 0.67 34.30 7.93
C ASN A 177 -0.18 34.53 6.70
N ALA A 178 -1.14 33.63 6.48
CA ALA A 178 -1.99 33.66 5.30
C ALA A 178 -2.87 34.94 5.26
N HIS A 179 -3.49 35.26 6.38
CA HIS A 179 -4.33 36.46 6.43
C HIS A 179 -3.44 37.69 6.26
N ARG A 180 -2.33 37.69 6.99
CA ARG A 180 -1.32 38.73 6.86
C ARG A 180 -0.91 39.00 5.40
N PHE A 181 -0.90 37.97 4.57
CA PHE A 181 -0.58 38.15 3.16
C PHE A 181 -1.84 38.07 2.35
N HIS A 182 -2.95 38.27 3.07
CA HIS A 182 -4.31 38.27 2.54
C HIS A 182 -4.61 37.19 1.49
N PHE A 183 -4.26 35.97 1.83
CA PHE A 183 -4.67 34.82 1.06
C PHE A 183 -6.09 34.49 1.50
N ASP A 184 -6.94 34.09 0.56
CA ASP A 184 -8.34 33.84 0.87
C ASP A 184 -8.56 32.40 1.29
N MSE A 185 -9.05 32.22 2.52
CA MSE A 185 -9.19 30.90 3.12
C MSE A 185 -10.47 30.15 2.78
O MSE A 185 -10.69 29.04 3.26
CB MSE A 185 -9.06 31.00 4.65
CG MSE A 185 -7.67 31.38 5.12
SE MSE A 185 -6.27 30.11 4.56
CE MSE A 185 -6.72 28.62 5.73
N ALA A 186 -11.33 30.76 1.96
CA ALA A 186 -12.64 30.18 1.65
C ALA A 186 -12.63 28.66 1.39
N SER A 187 -11.57 28.19 0.74
CA SER A 187 -11.49 26.80 0.30
C SER A 187 -11.27 25.80 1.44
N TYR A 188 -11.01 26.31 2.63
CA TYR A 188 -10.56 25.47 3.75
C TYR A 188 -11.43 25.57 5.00
N PRO A 189 -12.69 25.09 4.91
CA PRO A 189 -13.68 25.21 5.99
C PRO A 189 -13.23 24.58 7.31
N ILE A 190 -12.73 23.35 7.27
CA ILE A 190 -12.34 22.66 8.50
C ILE A 190 -11.22 23.43 9.17
N ILE A 191 -10.27 23.87 8.35
CA ILE A 191 -9.15 24.67 8.85
C ILE A 191 -9.64 25.99 9.44
N ASN A 192 -10.51 26.67 8.70
CA ASN A 192 -11.11 27.91 9.16
C ASN A 192 -11.80 27.73 10.52
N GLU A 193 -12.48 26.60 10.70
CA GLU A 193 -13.15 26.29 11.97
C GLU A 193 -12.15 26.07 13.09
N ILE A 194 -11.13 25.25 12.82
CA ILE A 194 -10.14 24.90 13.84
C ILE A 194 -9.40 26.14 14.31
N ASN A 195 -8.94 26.95 13.35
CA ASN A 195 -8.28 28.21 13.67
C ASN A 195 -9.15 29.10 14.55
N GLU A 196 -10.40 29.26 14.14
CA GLU A 196 -11.35 30.04 14.94
C GLU A 196 -11.43 29.49 16.35
N TYR A 197 -11.74 28.21 16.46
CA TYR A 197 -11.79 27.59 17.77
C TYR A 197 -10.52 27.86 18.58
N CYS A 198 -9.39 27.34 18.12
CA CYS A 198 -8.15 27.50 18.84
C CYS A 198 -7.90 28.93 19.30
N LEU A 199 -8.30 29.90 18.47
CA LEU A 199 -8.01 31.29 18.78
C LEU A 199 -8.71 31.83 20.03
N THR A 200 -9.58 31.01 20.62
CA THR A 200 -10.31 31.40 21.82
C THR A 200 -9.64 30.89 23.11
N LEU A 201 -8.64 30.01 22.96
CA LEU A 201 -7.89 29.54 24.11
C LEU A 201 -6.78 30.54 24.46
N PRO A 202 -6.60 30.80 25.77
CA PRO A 202 -5.52 31.65 26.27
C PRO A 202 -4.16 31.19 25.78
N ALA A 203 -3.92 29.89 25.79
CA ALA A 203 -2.64 29.34 25.35
C ALA A 203 -2.31 29.80 23.93
N PHE A 204 -3.30 29.80 23.05
CA PHE A 204 -3.09 30.33 21.70
C PHE A 204 -3.08 31.85 21.70
N HIS A 205 -4.10 32.43 22.29
CA HIS A 205 -4.29 33.88 22.28
C HIS A 205 -3.07 34.63 22.82
N ASP A 206 -2.56 34.19 23.96
CA ASP A 206 -1.46 34.88 24.65
C ASP A 206 -0.11 34.70 23.96
N ALA A 207 -0.05 33.77 23.02
CA ALA A 207 1.20 33.49 22.31
C ALA A 207 1.26 34.26 20.99
N ALA A 208 0.15 34.91 20.64
CA ALA A 208 0.08 35.68 19.40
C ALA A 208 1.13 36.78 19.43
N PRO A 209 1.65 37.14 18.25
CA PRO A 209 2.65 38.21 18.15
C PRO A 209 2.15 39.53 18.72
N GLU A 210 0.87 39.81 18.56
CA GLU A 210 0.27 41.05 19.05
C GLU A 210 0.31 41.08 20.56
N ALA A 211 0.17 39.91 21.18
CA ALA A 211 0.21 39.84 22.63
C ALA A 211 1.59 40.27 23.16
N ILE A 212 2.62 40.07 22.35
CA ILE A 212 3.99 40.36 22.74
C ILE A 212 4.22 41.85 22.96
N SER A 213 3.72 42.67 22.04
CA SER A 213 3.78 44.13 22.20
C SER A 213 2.49 44.69 22.82
N LEU B 3 3.55 -4.46 4.84
CA LEU B 3 4.27 -3.20 4.97
C LEU B 3 4.91 -2.71 3.65
N ILE B 4 4.33 -1.67 3.05
CA ILE B 4 4.76 -1.24 1.73
C ILE B 4 5.32 0.17 1.65
N LEU B 5 6.38 0.33 0.87
CA LEU B 5 7.01 1.61 0.67
C LEU B 5 6.93 2.03 -0.79
N TYR B 6 6.14 3.07 -1.04
CA TYR B 6 6.10 3.69 -2.34
C TYR B 6 7.33 4.56 -2.43
N ASP B 7 8.14 4.28 -3.44
CA ASP B 7 9.51 4.74 -3.43
C ASP B 7 9.95 5.22 -4.80
N TYR B 8 10.79 6.24 -4.80
CA TYR B 8 11.49 6.67 -6.00
C TYR B 8 12.98 6.66 -5.71
N PHE B 9 13.75 6.04 -6.61
CA PHE B 9 15.16 5.76 -6.33
C PHE B 9 16.02 7.00 -6.14
N ARG B 10 15.68 8.10 -6.81
CA ARG B 10 16.54 9.28 -6.70
C ARG B 10 15.96 10.41 -5.84
N SER B 11 14.83 10.12 -5.18
CA SER B 11 14.25 11.02 -4.21
C SER B 11 15.00 10.89 -2.88
N THR B 12 15.61 11.97 -2.44
CA THR B 12 16.41 11.97 -1.22
C THR B 12 15.57 11.75 0.05
N ALA B 13 14.29 12.11 0.00
CA ALA B 13 13.38 11.82 1.08
C ALA B 13 13.18 10.32 1.22
N CYS B 14 12.97 9.63 0.10
CA CYS B 14 12.86 8.17 0.14
C CYS B 14 14.19 7.54 0.53
N TYR B 15 15.29 8.16 0.11
CA TYR B 15 16.61 7.66 0.44
C TYR B 15 16.73 7.62 1.97
N ARG B 16 16.35 8.72 2.62
CA ARG B 16 16.32 8.75 4.08
C ARG B 16 15.56 7.55 4.65
N VAL B 17 14.39 7.28 4.09
CA VAL B 17 13.58 6.20 4.63
C VAL B 17 14.19 4.81 4.35
N ARG B 18 14.67 4.60 3.14
CA ARG B 18 15.32 3.33 2.81
C ARG B 18 16.42 3.02 3.83
N ILE B 19 17.23 4.02 4.13
CA ILE B 19 18.33 3.85 5.09
C ILE B 19 17.80 3.35 6.43
N ALA B 20 16.85 4.07 7.00
CA ALA B 20 16.36 3.73 8.33
C ALA B 20 15.77 2.31 8.39
N LEU B 21 15.11 1.91 7.31
CA LEU B 21 14.58 0.56 7.22
C LEU B 21 15.71 -0.45 7.29
N ASN B 22 16.83 -0.11 6.66
CA ASN B 22 18.00 -0.98 6.64
C ASN B 22 18.69 -1.03 7.99
N LEU B 23 18.87 0.14 8.60
CA LEU B 23 19.52 0.20 9.90
C LEU B 23 18.72 -0.59 10.91
N LYS B 24 17.40 -0.59 10.74
CA LYS B 24 16.56 -1.27 11.70
C LYS B 24 16.27 -2.68 11.24
N LYS B 25 16.87 -3.05 10.11
CA LYS B 25 16.64 -4.35 9.47
C LYS B 25 15.16 -4.74 9.38
N ILE B 26 14.31 -3.77 9.05
CA ILE B 26 12.89 -4.05 8.86
C ILE B 26 12.60 -4.53 7.43
N ALA B 27 11.95 -5.67 7.32
CA ALA B 27 11.58 -6.20 6.02
C ALA B 27 10.34 -5.47 5.49
N TYR B 28 10.31 -5.25 4.19
CA TYR B 28 9.21 -4.52 3.61
C TYR B 28 9.17 -4.71 2.11
N GLU B 29 7.98 -4.51 1.55
CA GLU B 29 7.84 -4.56 0.10
C GLU B 29 8.01 -3.17 -0.50
N LYS B 30 8.84 -3.08 -1.53
CA LYS B 30 9.19 -1.81 -2.14
C LYS B 30 8.55 -1.72 -3.51
N ILE B 31 7.88 -0.60 -3.77
CA ILE B 31 7.28 -0.35 -5.07
C ILE B 31 7.79 0.96 -5.65
N GLU B 32 8.43 0.85 -6.82
CA GLU B 32 9.00 1.99 -7.51
C GLU B 32 7.97 2.69 -8.38
N VAL B 33 7.40 3.79 -7.87
CA VAL B 33 6.47 4.59 -8.65
C VAL B 33 7.16 5.16 -9.88
N VAL B 56 5.39 10.06 -2.80
CA VAL B 56 6.55 9.39 -2.24
C VAL B 56 7.42 10.34 -1.45
N PRO B 57 8.04 9.82 -0.38
CA PRO B 57 7.77 8.44 0.02
C PRO B 57 6.46 8.30 0.79
N SER B 58 5.82 7.14 0.69
CA SER B 58 4.69 6.79 1.54
C SER B 58 4.87 5.38 2.10
N LEU B 59 4.63 5.24 3.40
CA LEU B 59 4.62 3.94 4.05
C LEU B 59 3.19 3.45 4.20
N ASP B 60 2.93 2.23 3.73
CA ASP B 60 1.60 1.63 3.79
C ASP B 60 1.57 0.52 4.81
N ILE B 61 1.05 0.82 5.99
CA ILE B 61 0.97 -0.15 7.07
C ILE B 61 -0.42 -0.77 7.09
N ASN B 62 -0.51 -2.01 6.62
CA ASN B 62 -1.78 -2.73 6.60
C ASN B 62 -2.89 -1.86 6.06
N GLY B 63 -2.75 -1.40 4.83
CA GLY B 63 -3.76 -0.57 4.19
C GLY B 63 -3.80 0.88 4.66
N GLN B 64 -3.28 1.15 5.86
CA GLN B 64 -3.16 2.52 6.35
C GLN B 64 -1.88 3.19 5.82
N ILE B 65 -2.00 4.37 5.23
CA ILE B 65 -0.85 5.04 4.63
C ILE B 65 -0.37 6.27 5.39
N LEU B 66 0.95 6.43 5.46
CA LEU B 66 1.59 7.51 6.20
C LEU B 66 2.63 8.17 5.28
N SER B 67 2.74 9.50 5.33
CA SER B 67 3.35 10.22 4.21
C SER B 67 4.54 11.15 4.43
N GLN B 68 4.94 11.49 5.64
CA GLN B 68 6.07 12.42 5.68
C GLN B 68 7.37 11.71 6.06
N SER B 69 8.43 11.84 5.27
CA SER B 69 9.66 11.08 5.53
C SER B 69 10.09 11.16 6.99
N MSE B 70 10.00 12.35 7.59
CA MSE B 70 10.40 12.48 8.99
C MSE B 70 9.37 11.83 9.92
O MSE B 70 9.71 11.32 10.98
CB MSE B 70 10.63 13.94 9.37
CG MSE B 70 11.76 14.59 8.58
SE MSE B 70 13.45 13.58 8.68
CE MSE B 70 14.13 14.35 10.33
N ALA B 71 8.10 11.86 9.51
CA ALA B 71 7.03 11.23 10.27
C ALA B 71 7.16 9.72 10.24
N ILE B 72 7.45 9.20 9.05
CA ILE B 72 7.64 7.78 8.81
C ILE B 72 8.76 7.22 9.68
N ILE B 73 9.90 7.88 9.69
CA ILE B 73 11.02 7.42 10.48
C ILE B 73 10.66 7.42 11.96
N ASP B 74 10.04 8.49 12.44
CA ASP B 74 9.58 8.54 13.83
C ASP B 74 8.65 7.39 14.14
N TYR B 75 7.88 6.98 13.13
CA TYR B 75 6.98 5.85 13.26
C TYR B 75 7.79 4.55 13.38
N LEU B 76 8.81 4.41 12.54
CA LEU B 76 9.71 3.26 12.63
C LEU B 76 10.38 3.18 13.98
N GLU B 77 10.80 4.34 14.50
CA GLU B 77 11.50 4.41 15.79
C GLU B 77 10.56 4.11 16.98
N GLU B 78 9.28 4.42 16.84
CA GLU B 78 8.39 4.06 17.95
C GLU B 78 8.02 2.60 17.84
N ILE B 79 7.66 2.19 16.65
CA ILE B 79 7.25 0.81 16.40
C ILE B 79 8.42 -0.19 16.54
N HIS B 80 9.62 0.25 16.20
CA HIS B 80 10.80 -0.60 16.31
C HIS B 80 11.89 0.13 17.07
N PRO B 81 11.73 0.23 18.39
CA PRO B 81 12.65 0.91 19.32
C PRO B 81 14.11 0.48 19.20
N GLU B 82 14.34 -0.79 18.87
CA GLU B 82 15.70 -1.33 18.81
C GLU B 82 16.46 -0.77 17.62
N MSE B 83 17.79 -0.72 17.75
CA MSE B 83 18.59 -0.05 16.76
C MSE B 83 18.17 1.41 16.75
O MSE B 83 17.78 1.94 15.71
CB MSE B 83 18.42 -0.69 15.38
CG MSE B 83 19.13 -2.03 15.21
SE MSE B 83 18.12 -3.58 15.87
CE MSE B 83 16.76 -3.68 14.49
N PRO B 84 18.24 2.06 17.91
CA PRO B 84 17.74 3.43 18.08
C PRO B 84 18.46 4.39 17.16
N LEU B 85 17.72 5.30 16.53
CA LEU B 85 18.34 6.29 15.67
C LEU B 85 18.73 7.54 16.44
N LEU B 86 18.42 7.57 17.72
CA LEU B 86 18.75 8.71 18.57
C LEU B 86 19.10 8.24 19.97
N PRO B 87 19.95 9.01 20.66
CA PRO B 87 20.41 8.71 22.02
C PRO B 87 19.29 8.86 23.03
N LYS B 88 19.54 8.42 24.26
CA LYS B 88 18.52 8.48 25.30
C LYS B 88 18.45 9.84 25.96
N ASP B 89 19.60 10.49 26.13
CA ASP B 89 19.57 11.85 26.69
C ASP B 89 18.61 12.72 25.90
N PRO B 90 17.66 13.34 26.59
CA PRO B 90 16.68 14.18 25.89
C PRO B 90 17.32 15.35 25.16
N PHE B 91 18.35 15.97 25.73
CA PHE B 91 18.99 17.10 25.06
C PHE B 91 19.69 16.68 23.79
N MSE B 92 20.47 15.63 23.85
CA MSE B 92 21.24 15.20 22.69
C MSE B 92 20.31 14.61 21.65
O MSE B 92 20.54 14.77 20.45
CB MSE B 92 22.35 14.22 23.06
CG MSE B 92 23.64 14.89 23.53
SE MSE B 92 24.46 16.15 22.22
CE MSE B 92 24.33 15.12 20.58
N LYS B 93 19.29 13.91 22.12
CA LYS B 93 18.25 13.44 21.23
C LYS B 93 17.61 14.64 20.48
N ALA B 94 17.25 15.68 21.22
CA ALA B 94 16.67 16.89 20.60
C ALA B 94 17.67 17.56 19.67
N THR B 95 18.91 17.64 20.12
CA THR B 95 20.00 18.27 19.38
C THR B 95 20.24 17.62 18.02
N LEU B 96 20.16 16.31 17.97
CA LEU B 96 20.41 15.62 16.71
C LEU B 96 19.15 15.69 15.86
N LYS B 97 18.01 15.75 16.52
CA LYS B 97 16.74 15.99 15.83
C LYS B 97 16.81 17.29 15.05
N SER B 98 17.34 18.32 15.69
CA SER B 98 17.41 19.65 15.09
C SER B 98 18.39 19.74 13.93
N MSE B 99 19.50 19.03 14.04
CA MSE B 99 20.41 18.96 12.91
C MSE B 99 19.73 18.30 11.74
O MSE B 99 19.89 18.73 10.59
CB MSE B 99 21.68 18.22 13.28
CG MSE B 99 22.57 19.06 14.15
SE MSE B 99 23.85 18.00 15.11
CE MSE B 99 25.02 17.49 13.60
N ALA B 100 18.93 17.28 12.03
CA ALA B 100 18.22 16.58 10.98
C ALA B 100 17.21 17.52 10.32
N LEU B 101 16.62 18.38 11.15
CA LEU B 101 15.70 19.40 10.66
C LEU B 101 16.39 20.47 9.81
N ILE B 102 17.64 20.79 10.14
CA ILE B 102 18.40 21.72 9.29
C ILE B 102 18.25 21.22 7.86
N VAL B 103 18.44 19.92 7.69
CA VAL B 103 18.38 19.35 6.35
C VAL B 103 16.95 19.24 5.83
N ALA B 104 16.09 18.61 6.62
CA ALA B 104 14.75 18.32 6.19
C ALA B 104 13.89 19.58 6.03
N CYS B 105 14.26 20.65 6.72
CA CYS B 105 13.45 21.85 6.76
C CYS B 105 14.09 23.07 6.09
N ASP B 106 15.37 23.27 6.33
CA ASP B 106 16.05 24.48 5.87
C ASP B 106 16.79 24.27 4.56
N MSE B 107 16.74 23.06 4.03
CA MSE B 107 17.51 22.73 2.83
C MSE B 107 16.67 22.08 1.75
O MSE B 107 16.30 22.69 0.76
CB MSE B 107 18.69 21.81 3.18
CG MSE B 107 19.72 22.44 4.11
SE MSE B 107 21.37 21.35 4.41
CE MSE B 107 22.05 21.37 2.58
N HIS B 108 16.36 20.81 1.95
CA HIS B 108 15.63 20.04 0.98
C HIS B 108 14.36 20.72 0.40
N PRO B 109 13.54 21.36 1.25
CA PRO B 109 12.33 21.93 0.63
C PRO B 109 12.61 23.02 -0.42
N LEU B 110 13.61 23.88 -0.17
CA LEU B 110 13.92 25.01 -1.06
C LEU B 110 14.43 24.56 -2.43
N ASN B 111 14.96 23.35 -2.47
CA ASN B 111 15.59 22.82 -3.67
C ASN B 111 14.79 21.70 -4.31
N ASN B 112 13.62 21.44 -3.77
CA ASN B 112 12.68 20.51 -4.39
C ASN B 112 12.38 20.88 -5.85
N LEU B 113 12.25 19.85 -6.68
CA LEU B 113 11.86 20.02 -8.08
C LEU B 113 10.73 21.04 -8.26
N ARG B 114 9.68 20.91 -7.47
CA ARG B 114 8.48 21.75 -7.64
C ARG B 114 8.82 23.22 -7.52
N VAL B 115 9.79 23.52 -6.67
CA VAL B 115 10.27 24.89 -6.46
C VAL B 115 11.08 25.37 -7.66
N LEU B 116 12.04 24.55 -8.10
CA LEU B 116 12.84 24.88 -9.26
C LEU B 116 11.93 25.16 -10.46
N ASN B 117 10.96 24.30 -10.68
CA ASN B 117 9.99 24.52 -11.75
C ASN B 117 9.30 25.88 -11.62
N ARG B 118 8.89 26.21 -10.40
CA ARG B 118 8.24 27.46 -10.10
C ARG B 118 9.11 28.66 -10.48
N LEU B 119 10.42 28.56 -10.25
CA LEU B 119 11.36 29.61 -10.62
C LEU B 119 11.39 29.84 -12.12
N LYS B 120 11.35 28.74 -12.87
CA LYS B 120 11.36 28.84 -14.32
C LYS B 120 9.99 29.29 -14.84
N GLU B 121 8.93 28.91 -14.15
CA GLU B 121 7.59 29.32 -14.56
C GLU B 121 7.37 30.81 -14.23
N GLN B 122 7.58 31.19 -12.98
CA GLN B 122 7.31 32.55 -12.56
C GLN B 122 8.37 33.55 -12.98
N PHE B 123 9.62 33.12 -13.00
CA PHE B 123 10.70 34.07 -13.23
C PHE B 123 11.47 33.71 -14.49
N ASN B 124 10.92 32.76 -15.24
CA ASN B 124 11.61 32.23 -16.40
C ASN B 124 13.11 32.16 -16.13
N ALA B 125 13.48 31.56 -15.00
CA ALA B 125 14.88 31.45 -14.62
C ALA B 125 15.60 30.55 -15.61
N ASN B 126 16.90 30.77 -15.78
CA ASN B 126 17.69 29.91 -16.66
C ASN B 126 18.53 28.92 -15.86
N GLU B 127 19.18 27.99 -16.57
CA GLU B 127 19.98 26.97 -15.93
C GLU B 127 20.84 27.58 -14.84
N GLU B 128 21.65 28.57 -15.20
CA GLU B 128 22.63 29.17 -14.28
C GLU B 128 21.98 29.89 -13.10
N GLN B 129 20.73 30.33 -13.27
CA GLN B 129 20.02 30.97 -12.17
C GLN B 129 19.49 29.91 -11.20
N VAL B 130 18.97 28.83 -11.74
CA VAL B 130 18.53 27.72 -10.93
C VAL B 130 19.69 27.20 -10.08
N LEU B 131 20.87 27.09 -10.68
CA LEU B 131 22.06 26.62 -9.97
C LEU B 131 22.51 27.53 -8.85
N GLU B 132 22.46 28.84 -9.08
CA GLU B 132 22.85 29.80 -8.07
C GLU B 132 21.93 29.66 -6.85
N TRP B 133 20.64 29.48 -7.12
CA TRP B 133 19.63 29.24 -6.10
C TRP B 133 20.00 27.98 -5.33
N TYR B 134 20.02 26.87 -6.05
CA TYR B 134 20.28 25.57 -5.48
C TYR B 134 21.53 25.55 -4.59
N HIS B 135 22.60 26.18 -5.04
CA HIS B 135 23.88 26.21 -4.33
C HIS B 135 23.84 27.10 -3.09
N HIS B 136 23.07 28.17 -3.16
CA HIS B 136 22.92 29.08 -2.04
C HIS B 136 22.36 28.37 -0.82
N TRP B 137 21.33 27.56 -1.05
CA TRP B 137 20.71 26.82 0.05
C TRP B 137 21.61 25.69 0.52
N LEU B 138 22.36 25.08 -0.40
CA LEU B 138 23.33 24.06 -0.02
C LEU B 138 24.34 24.67 0.92
N LYS B 139 24.90 25.80 0.49
CA LYS B 139 25.92 26.48 1.29
C LYS B 139 25.38 26.91 2.64
N THR B 140 24.21 27.53 2.64
CA THR B 140 23.62 28.01 3.87
C THR B 140 23.40 26.90 4.89
N GLY B 141 22.85 25.79 4.42
CA GLY B 141 22.59 24.64 5.28
C GLY B 141 23.85 23.93 5.75
N PHE B 142 24.73 23.57 4.82
CA PHE B 142 25.96 22.90 5.23
C PHE B 142 26.78 23.73 6.21
N ASP B 143 26.82 25.04 5.99
CA ASP B 143 27.50 25.94 6.91
C ASP B 143 26.97 25.74 8.33
N ALA B 144 25.66 25.76 8.48
CA ALA B 144 25.04 25.58 9.78
C ALA B 144 25.33 24.19 10.35
N PHE B 145 25.13 23.18 9.52
CA PHE B 145 25.34 21.79 9.91
C PHE B 145 26.78 21.53 10.37
N GLU B 146 27.74 21.86 9.51
CA GLU B 146 29.14 21.70 9.85
C GLU B 146 29.39 22.39 11.17
N GLU B 147 28.83 23.58 11.30
CA GLU B 147 28.93 24.36 12.53
C GLU B 147 28.57 23.56 13.78
N LYS B 148 27.36 23.02 13.81
CA LYS B 148 26.90 22.26 14.96
C LYS B 148 27.73 20.98 15.17
N LEU B 149 28.25 20.43 14.07
CA LEU B 149 29.14 19.26 14.11
C LEU B 149 30.39 19.54 14.94
N GLY B 150 30.92 20.75 14.80
CA GLY B 150 32.15 21.14 15.46
C GLY B 150 32.06 21.15 16.96
N ALA B 151 30.84 21.24 17.47
CA ALA B 151 30.63 21.30 18.91
C ALA B 151 30.43 19.91 19.52
N LEU B 152 30.41 18.89 18.66
CA LEU B 152 30.08 17.54 19.13
C LEU B 152 31.27 16.57 19.12
N GLU B 153 31.19 15.56 19.98
CA GLU B 153 32.27 14.61 20.11
C GLU B 153 31.91 13.27 19.47
N ARG B 154 32.92 12.62 18.89
CA ARG B 154 32.73 11.37 18.15
C ARG B 154 34.01 10.53 18.20
N ASP B 155 33.84 9.22 18.03
CA ASP B 155 34.97 8.27 18.03
C ASP B 155 35.04 7.53 16.71
N LYS B 156 34.33 8.09 15.74
CA LYS B 156 34.37 7.66 14.35
C LYS B 156 33.59 8.67 13.52
N PRO B 157 33.62 8.52 12.19
CA PRO B 157 32.96 9.50 11.33
C PRO B 157 31.43 9.36 11.31
N VAL B 158 30.82 9.66 12.45
CA VAL B 158 29.39 9.79 12.56
C VAL B 158 29.08 11.15 13.20
N CYS B 159 27.86 11.65 13.03
CA CYS B 159 27.49 12.96 13.59
C CYS B 159 27.80 13.05 15.08
N PHE B 160 27.50 11.99 15.83
CA PHE B 160 27.71 12.02 17.27
C PHE B 160 28.06 10.66 17.89
N GLY B 161 29.10 10.64 18.73
CA GLY B 161 29.45 9.43 19.43
C GLY B 161 30.05 8.36 18.52
N SER B 162 29.59 7.12 18.69
CA SER B 162 30.20 5.99 17.98
C SER B 162 29.20 5.16 17.20
N GLU B 163 27.98 5.67 17.09
CA GLU B 163 26.95 4.96 16.35
C GLU B 163 26.22 5.93 15.43
N VAL B 164 25.83 5.43 14.26
CA VAL B 164 25.08 6.22 13.30
C VAL B 164 23.71 6.53 13.90
N GLY B 165 23.16 7.70 13.55
CA GLY B 165 21.85 8.10 14.03
C GLY B 165 21.02 8.76 12.96
N LEU B 166 19.96 9.43 13.39
CA LEU B 166 19.03 10.13 12.51
C LEU B 166 19.66 11.24 11.66
N ALA B 167 20.55 12.02 12.28
CA ALA B 167 21.31 13.06 11.57
C ALA B 167 22.12 12.47 10.41
N ASP B 168 22.75 11.33 10.64
CA ASP B 168 23.49 10.65 9.60
C ASP B 168 22.56 10.24 8.47
N VAL B 169 21.42 9.67 8.85
CA VAL B 169 20.40 9.27 7.88
C VAL B 169 19.93 10.43 6.99
N CYS B 170 19.90 11.65 7.53
CA CYS B 170 19.47 12.82 6.75
C CYS B 170 20.63 13.47 6.00
N LEU B 171 21.79 13.46 6.62
CA LEU B 171 22.98 14.07 6.01
C LEU B 171 23.37 13.42 4.68
N ILE B 172 23.55 12.11 4.68
CA ILE B 172 24.08 11.40 3.52
C ILE B 172 23.30 11.71 2.25
N PRO B 173 21.97 11.59 2.30
CA PRO B 173 21.18 11.86 1.10
C PRO B 173 21.25 13.34 0.64
N GLN B 174 21.40 14.26 1.57
CA GLN B 174 21.54 15.66 1.21
C GLN B 174 22.87 15.85 0.48
N VAL B 175 23.90 15.19 1.02
CA VAL B 175 25.24 15.26 0.44
C VAL B 175 25.21 14.74 -0.99
N TYR B 176 24.55 13.60 -1.18
CA TYR B 176 24.34 13.05 -2.51
C TYR B 176 23.75 14.08 -3.47
N ASN B 177 22.79 14.86 -2.99
CA ASN B 177 22.19 15.90 -3.81
C ASN B 177 23.21 16.97 -4.14
N ALA B 178 24.11 17.24 -3.19
CA ALA B 178 25.13 18.25 -3.41
C ALA B 178 26.08 17.82 -4.54
N HIS B 179 26.57 16.58 -4.49
CA HIS B 179 27.42 16.12 -5.58
C HIS B 179 26.66 16.10 -6.88
N ARG B 180 25.47 15.54 -6.84
CA ARG B 180 24.65 15.42 -8.03
C ARG B 180 24.54 16.78 -8.72
N PHE B 181 24.58 17.86 -7.96
CA PHE B 181 24.46 19.20 -8.54
C PHE B 181 25.76 19.97 -8.52
N HIS B 182 26.86 19.23 -8.41
CA HIS B 182 28.17 19.80 -8.66
C HIS B 182 28.46 20.94 -7.72
N PHE B 183 28.14 20.75 -6.45
CA PHE B 183 28.47 21.73 -5.42
C PHE B 183 29.72 21.31 -4.63
N ASP B 184 30.68 22.22 -4.53
CA ASP B 184 31.96 21.91 -3.90
C ASP B 184 31.88 21.82 -2.39
N MSE B 185 32.15 20.63 -1.87
CA MSE B 185 32.06 20.36 -0.44
C MSE B 185 33.35 20.65 0.34
O MSE B 185 33.43 20.35 1.53
CB MSE B 185 31.64 18.91 -0.20
CG MSE B 185 30.26 18.59 -0.74
SE MSE B 185 28.87 19.50 0.32
CE MSE B 185 28.86 18.37 1.89
N ALA B 186 34.33 21.23 -0.33
CA ALA B 186 35.64 21.49 0.26
C ALA B 186 35.59 22.09 1.67
N SER B 187 34.57 22.90 1.95
CA SER B 187 34.55 23.63 3.21
C SER B 187 33.95 22.85 4.38
N TYR B 188 33.56 21.61 4.14
CA TYR B 188 32.87 20.80 5.15
C TYR B 188 33.57 19.47 5.43
N PRO B 189 34.81 19.53 5.95
CA PRO B 189 35.70 18.36 6.18
C PRO B 189 35.02 17.26 6.97
N ILE B 190 34.39 17.65 8.07
CA ILE B 190 33.69 16.69 8.91
C ILE B 190 32.55 15.99 8.16
N ILE B 191 31.70 16.79 7.54
CA ILE B 191 30.59 16.24 6.79
C ILE B 191 31.12 15.22 5.79
N ASN B 192 32.21 15.59 5.13
CA ASN B 192 32.78 14.74 4.09
C ASN B 192 33.31 13.43 4.64
N GLU B 193 33.88 13.49 5.84
CA GLU B 193 34.34 12.28 6.52
C GLU B 193 33.16 11.38 6.86
N ILE B 194 32.10 11.99 7.40
CA ILE B 194 30.93 11.23 7.79
C ILE B 194 30.29 10.53 6.59
N ASN B 195 30.02 11.30 5.54
CA ASN B 195 29.48 10.73 4.30
C ASN B 195 30.32 9.54 3.86
N GLU B 196 31.64 9.70 3.88
CA GLU B 196 32.51 8.62 3.42
C GLU B 196 32.33 7.40 4.31
N TYR B 197 32.40 7.60 5.62
CA TYR B 197 32.27 6.47 6.51
C TYR B 197 30.96 5.72 6.30
N CYS B 198 29.85 6.45 6.47
CA CYS B 198 28.52 5.88 6.37
C CYS B 198 28.27 5.11 5.08
N LEU B 199 28.80 5.63 3.98
CA LEU B 199 28.64 4.92 2.71
C LEU B 199 29.48 3.65 2.64
N THR B 200 30.36 3.41 3.62
CA THR B 200 31.03 2.12 3.72
C THR B 200 30.10 1.06 4.29
N LEU B 201 29.08 1.48 5.04
CA LEU B 201 28.16 0.53 5.68
C LEU B 201 27.04 0.12 4.74
N PRO B 202 26.74 -1.18 4.70
CA PRO B 202 25.69 -1.73 3.83
C PRO B 202 24.36 -1.00 3.93
N ALA B 203 23.94 -0.64 5.15
CA ALA B 203 22.64 0.01 5.34
C ALA B 203 22.48 1.30 4.51
N PHE B 204 23.55 2.08 4.40
CA PHE B 204 23.57 3.26 3.54
C PHE B 204 23.84 2.90 2.09
N HIS B 205 24.92 2.17 1.86
CA HIS B 205 25.32 1.81 0.51
C HIS B 205 24.16 1.18 -0.26
N ASP B 206 23.47 0.22 0.36
CA ASP B 206 22.39 -0.52 -0.30
C ASP B 206 21.10 0.29 -0.48
N ALA B 207 21.02 1.46 0.16
CA ALA B 207 19.83 2.31 0.03
C ALA B 207 20.03 3.43 -1.01
N ALA B 208 21.26 3.59 -1.49
CA ALA B 208 21.60 4.63 -2.45
C ALA B 208 20.90 4.41 -3.78
N PRO B 209 20.61 5.52 -4.49
CA PRO B 209 19.87 5.49 -5.75
C PRO B 209 20.55 4.63 -6.83
N GLU B 210 21.87 4.61 -6.84
CA GLU B 210 22.62 3.78 -7.78
C GLU B 210 22.27 2.30 -7.54
N ALA B 211 22.17 1.92 -6.27
CA ALA B 211 21.83 0.56 -5.90
C ALA B 211 20.43 0.20 -6.41
N ILE B 212 19.57 1.20 -6.52
CA ILE B 212 18.17 0.99 -6.86
C ILE B 212 17.95 0.96 -8.39
N LEU C 3 -2.10 1.78 -18.57
CA LEU C 3 -2.14 0.56 -17.75
C LEU C 3 -0.87 0.33 -16.94
N ILE C 4 -1.05 0.20 -15.64
CA ILE C 4 0.07 -0.09 -14.76
C ILE C 4 -0.08 -1.48 -14.14
N LEU C 5 0.89 -2.35 -14.40
CA LEU C 5 0.91 -3.67 -13.81
C LEU C 5 1.98 -3.79 -12.75
N TYR C 6 1.56 -4.00 -11.51
CA TYR C 6 2.47 -4.31 -10.45
C TYR C 6 2.92 -5.77 -10.65
N ASP C 7 4.21 -5.94 -10.87
CA ASP C 7 4.71 -7.21 -11.36
C ASP C 7 5.87 -7.75 -10.53
N TYR C 8 6.05 -9.06 -10.62
CA TYR C 8 7.26 -9.71 -10.15
C TYR C 8 7.60 -10.77 -11.17
N PHE C 9 8.85 -10.76 -11.64
CA PHE C 9 9.21 -11.53 -12.83
C PHE C 9 8.86 -13.02 -12.72
N ARG C 10 8.97 -13.61 -11.53
CA ARG C 10 8.76 -15.05 -11.42
C ARG C 10 7.41 -15.48 -10.82
N SER C 11 6.55 -14.53 -10.49
CA SER C 11 5.18 -14.87 -10.10
C SER C 11 4.48 -15.54 -11.26
N THR C 12 3.97 -16.74 -11.01
CA THR C 12 3.24 -17.50 -12.03
C THR C 12 1.94 -16.78 -12.40
N ALA C 13 1.26 -16.22 -11.42
CA ALA C 13 0.07 -15.43 -11.68
C ALA C 13 0.36 -14.24 -12.61
N CYS C 14 1.43 -13.52 -12.30
CA CYS C 14 1.84 -12.37 -13.11
C CYS C 14 2.14 -12.81 -14.55
N TYR C 15 2.79 -13.96 -14.70
CA TYR C 15 3.04 -14.55 -16.01
C TYR C 15 1.75 -14.64 -16.82
N ARG C 16 0.69 -15.18 -16.23
CA ARG C 16 -0.62 -15.26 -16.87
C ARG C 16 -1.04 -13.91 -17.42
N VAL C 17 -0.98 -12.90 -16.59
CA VAL C 17 -1.42 -11.59 -17.01
C VAL C 17 -0.49 -11.07 -18.11
N ARG C 18 0.81 -11.17 -17.91
CA ARG C 18 1.76 -10.69 -18.91
C ARG C 18 1.44 -11.28 -20.26
N ILE C 19 1.14 -12.57 -20.29
CA ILE C 19 0.79 -13.21 -21.55
C ILE C 19 -0.48 -12.62 -22.15
N ALA C 20 -1.54 -12.52 -21.33
CA ALA C 20 -2.81 -12.01 -21.80
C ALA C 20 -2.67 -10.62 -22.44
N LEU C 21 -2.02 -9.72 -21.72
CA LEU C 21 -1.71 -8.39 -22.22
C LEU C 21 -1.06 -8.46 -23.61
N ASN C 22 -0.06 -9.32 -23.76
CA ASN C 22 0.62 -9.44 -25.05
C ASN C 22 -0.31 -9.88 -26.18
N LEU C 23 -1.09 -10.93 -25.92
CA LEU C 23 -2.00 -11.46 -26.92
C LEU C 23 -2.99 -10.39 -27.37
N LYS C 24 -3.37 -9.52 -26.43
CA LYS C 24 -4.29 -8.43 -26.73
C LYS C 24 -3.55 -7.16 -27.18
N LYS C 25 -2.22 -7.24 -27.25
CA LYS C 25 -1.44 -6.11 -27.75
C LYS C 25 -1.72 -4.83 -26.96
N ILE C 26 -2.25 -4.98 -25.76
CA ILE C 26 -2.57 -3.83 -24.94
C ILE C 26 -1.29 -3.20 -24.44
N ALA C 27 -1.17 -1.90 -24.60
CA ALA C 27 -0.02 -1.18 -24.06
C ALA C 27 -0.14 -1.10 -22.54
N TYR C 28 0.97 -1.35 -21.86
CA TYR C 28 1.03 -1.25 -20.40
C TYR C 28 2.43 -0.93 -19.89
N GLU C 29 2.49 -0.42 -18.66
CA GLU C 29 3.77 -0.12 -18.03
C GLU C 29 3.94 -1.02 -16.79
N LYS C 30 5.17 -1.49 -16.58
CA LYS C 30 5.42 -2.56 -15.62
C LYS C 30 6.23 -2.09 -14.43
N ILE C 31 5.60 -2.06 -13.26
CA ILE C 31 6.28 -1.72 -12.02
C ILE C 31 6.67 -3.00 -11.28
N GLU C 32 7.95 -3.16 -10.93
CA GLU C 32 8.36 -4.32 -10.17
C GLU C 32 8.17 -4.12 -8.66
N VAL C 33 7.90 -5.22 -7.97
CA VAL C 33 7.69 -5.21 -6.53
C VAL C 33 8.66 -6.17 -5.90
N HIS C 34 9.44 -5.69 -4.95
CA HIS C 34 10.53 -6.48 -4.36
C HIS C 34 10.42 -6.47 -2.85
N LEU C 35 10.62 -7.63 -2.23
CA LEU C 35 10.72 -7.66 -0.78
C LEU C 35 12.15 -7.24 -0.43
N VAL C 36 12.30 -6.48 0.65
CA VAL C 36 13.62 -6.01 1.09
C VAL C 36 13.95 -6.48 2.51
N ASN C 37 15.15 -7.02 2.67
CA ASN C 37 15.63 -7.57 3.94
C ASN C 37 14.71 -8.65 4.51
N LEU C 55 0.66 -9.49 -3.32
CA LEU C 55 0.35 -8.14 -3.79
C LEU C 55 0.46 -8.00 -5.31
N VAL C 56 0.94 -9.04 -5.97
CA VAL C 56 1.04 -9.07 -7.42
C VAL C 56 0.48 -10.39 -7.92
N PRO C 57 -0.09 -10.42 -9.13
CA PRO C 57 -0.20 -9.28 -10.06
C PRO C 57 -1.27 -8.27 -9.63
N SER C 58 -0.99 -6.99 -9.80
CA SER C 58 -2.01 -5.95 -9.61
C SER C 58 -2.07 -5.03 -10.81
N LEU C 59 -3.28 -4.69 -11.22
CA LEU C 59 -3.48 -3.74 -12.30
C LEU C 59 -3.88 -2.40 -11.73
N ASP C 60 -3.12 -1.36 -12.06
CA ASP C 60 -3.49 -0.01 -11.68
C ASP C 60 -4.25 0.65 -12.83
N ILE C 61 -5.49 1.05 -12.53
CA ILE C 61 -6.33 1.72 -13.51
C ILE C 61 -6.73 3.06 -12.94
N ASN C 62 -6.05 4.11 -13.40
CA ASN C 62 -6.32 5.45 -12.91
C ASN C 62 -6.44 5.45 -11.39
N GLY C 63 -5.46 4.81 -10.74
CA GLY C 63 -5.41 4.81 -9.29
C GLY C 63 -6.47 3.98 -8.61
N GLN C 64 -7.16 3.15 -9.38
CA GLN C 64 -8.02 2.13 -8.80
C GLN C 64 -7.33 0.79 -8.97
N ILE C 65 -6.98 0.15 -7.87
CA ILE C 65 -6.25 -1.11 -7.95
C ILE C 65 -7.15 -2.34 -8.02
N LEU C 66 -6.89 -3.18 -9.01
CA LEU C 66 -7.62 -4.43 -9.21
C LEU C 66 -6.65 -5.61 -9.11
N SER C 67 -6.95 -6.59 -8.25
CA SER C 67 -6.08 -7.75 -8.08
C SER C 67 -6.74 -9.05 -8.48
N GLN C 68 -5.97 -10.13 -8.43
CA GLN C 68 -6.48 -11.47 -8.75
C GLN C 68 -6.35 -11.73 -10.25
N SER C 69 -5.42 -12.61 -10.61
CA SER C 69 -5.05 -12.79 -12.02
C SER C 69 -6.21 -13.11 -12.97
N MSE C 70 -7.19 -13.90 -12.53
CA MSE C 70 -8.34 -14.25 -13.37
C MSE C 70 -9.34 -13.10 -13.53
O MSE C 70 -10.01 -13.00 -14.57
CB MSE C 70 -9.05 -15.50 -12.82
CG MSE C 70 -8.21 -16.74 -12.69
SE MSE C 70 -7.20 -17.16 -14.33
CE MSE C 70 -8.69 -17.87 -15.37
N ALA C 71 -9.47 -12.26 -12.51
CA ALA C 71 -10.36 -11.11 -12.56
C ALA C 71 -9.77 -10.05 -13.46
N ILE C 72 -8.48 -9.81 -13.26
CA ILE C 72 -7.69 -8.95 -14.11
C ILE C 72 -7.87 -9.33 -15.57
N ILE C 73 -7.75 -10.61 -15.86
CA ILE C 73 -7.91 -11.05 -17.24
C ILE C 73 -9.33 -10.87 -17.78
N ASP C 74 -10.35 -11.12 -16.95
CA ASP C 74 -11.71 -10.90 -17.42
C ASP C 74 -11.86 -9.42 -17.74
N TYR C 75 -11.33 -8.59 -16.85
CA TYR C 75 -11.35 -7.16 -17.07
C TYR C 75 -10.80 -6.81 -18.45
N LEU C 76 -9.62 -7.34 -18.78
CA LEU C 76 -9.02 -7.14 -20.10
C LEU C 76 -9.92 -7.61 -21.24
N GLU C 77 -10.63 -8.70 -21.05
CA GLU C 77 -11.49 -9.23 -22.11
C GLU C 77 -12.68 -8.32 -22.34
N GLU C 78 -13.03 -7.58 -21.31
CA GLU C 78 -14.21 -6.72 -21.33
C GLU C 78 -13.85 -5.34 -21.88
N ILE C 79 -12.70 -4.82 -21.44
CA ILE C 79 -12.26 -3.49 -21.83
C ILE C 79 -11.64 -3.54 -23.23
N HIS C 80 -11.24 -4.73 -23.67
CA HIS C 80 -10.59 -4.85 -24.97
C HIS C 80 -10.93 -6.21 -25.59
N PRO C 81 -12.15 -6.33 -26.15
CA PRO C 81 -12.72 -7.59 -26.67
C PRO C 81 -12.03 -8.05 -27.93
N GLU C 82 -11.27 -7.16 -28.55
CA GLU C 82 -10.42 -7.53 -29.66
C GLU C 82 -9.48 -8.65 -29.19
N MSE C 83 -9.23 -9.61 -30.06
CA MSE C 83 -8.40 -10.77 -29.73
C MSE C 83 -9.02 -11.57 -28.61
O MSE C 83 -8.43 -11.68 -27.54
CB MSE C 83 -6.99 -10.33 -29.29
CG MSE C 83 -5.97 -10.26 -30.42
SE MSE C 83 -6.07 -8.58 -31.39
CE MSE C 83 -5.62 -7.32 -29.96
N PRO C 84 -10.22 -12.12 -28.83
CA PRO C 84 -10.93 -12.89 -27.80
C PRO C 84 -10.08 -14.05 -27.28
N LEU C 85 -10.05 -14.23 -25.96
CA LEU C 85 -9.33 -15.36 -25.37
C LEU C 85 -10.25 -16.57 -25.23
N LEU C 86 -11.52 -16.37 -25.53
CA LEU C 86 -12.52 -17.42 -25.39
C LEU C 86 -13.39 -17.55 -26.62
N PRO C 87 -13.88 -18.75 -26.89
CA PRO C 87 -14.81 -18.96 -28.01
C PRO C 87 -16.07 -18.16 -27.73
N LYS C 88 -16.85 -17.88 -28.77
CA LYS C 88 -18.10 -17.14 -28.61
C LYS C 88 -19.18 -18.00 -27.95
N ASP C 89 -19.27 -19.25 -28.37
CA ASP C 89 -20.27 -20.19 -27.88
C ASP C 89 -20.24 -20.34 -26.36
N PRO C 90 -21.39 -20.11 -25.72
CA PRO C 90 -21.54 -20.21 -24.27
C PRO C 90 -20.97 -21.51 -23.66
N PHE C 91 -21.34 -22.68 -24.17
CA PHE C 91 -20.88 -23.91 -23.56
C PHE C 91 -19.36 -24.08 -23.68
N MSE C 92 -18.86 -23.91 -24.90
CA MSE C 92 -17.44 -24.02 -25.16
C MSE C 92 -16.69 -23.04 -24.30
O MSE C 92 -15.75 -23.40 -23.60
CB MSE C 92 -17.12 -23.78 -26.63
CG MSE C 92 -17.09 -25.04 -27.49
SE MSE C 92 -16.29 -26.63 -26.60
CE MSE C 92 -14.53 -25.94 -26.18
N LYS C 93 -17.12 -21.79 -24.35
CA LYS C 93 -16.49 -20.73 -23.58
C LYS C 93 -16.37 -21.17 -22.12
N ALA C 94 -17.45 -21.69 -21.57
CA ALA C 94 -17.46 -22.14 -20.18
C ALA C 94 -16.55 -23.36 -19.96
N THR C 95 -16.58 -24.29 -20.90
CA THR C 95 -15.73 -25.48 -20.85
C THR C 95 -14.24 -25.09 -20.76
N LEU C 96 -13.84 -24.19 -21.65
CA LEU C 96 -12.47 -23.70 -21.63
C LEU C 96 -12.16 -22.95 -20.33
N LYS C 97 -13.13 -22.21 -19.81
CA LYS C 97 -12.92 -21.48 -18.58
C LYS C 97 -12.74 -22.45 -17.41
N SER C 98 -13.48 -23.56 -17.43
CA SER C 98 -13.38 -24.52 -16.35
C SER C 98 -11.99 -25.16 -16.34
N MSE C 99 -11.42 -25.35 -17.51
CA MSE C 99 -10.08 -25.94 -17.59
C MSE C 99 -9.03 -25.01 -17.01
O MSE C 99 -8.20 -25.44 -16.20
CB MSE C 99 -9.72 -26.26 -19.02
CG MSE C 99 -10.60 -27.34 -19.57
SE MSE C 99 -10.12 -27.62 -21.39
CE MSE C 99 -8.56 -28.76 -21.06
N ALA C 100 -9.09 -23.74 -17.39
CA ALA C 100 -8.22 -22.76 -16.79
C ALA C 100 -8.40 -22.75 -15.28
N LEU C 101 -9.60 -23.05 -14.80
CA LEU C 101 -9.86 -22.98 -13.36
C LEU C 101 -9.20 -24.16 -12.64
N ILE C 102 -9.09 -25.30 -13.32
CA ILE C 102 -8.28 -26.42 -12.84
C ILE C 102 -6.85 -25.98 -12.46
N VAL C 103 -6.23 -25.17 -13.31
CA VAL C 103 -4.92 -24.63 -12.99
C VAL C 103 -5.03 -23.57 -11.92
N ALA C 104 -5.83 -22.56 -12.19
CA ALA C 104 -5.94 -21.38 -11.34
C ALA C 104 -6.62 -21.65 -10.00
N CYS C 105 -7.46 -22.67 -9.92
CA CYS C 105 -8.04 -22.99 -8.63
C CYS C 105 -7.59 -24.32 -8.02
N ASP C 106 -7.39 -25.34 -8.84
CA ASP C 106 -7.16 -26.68 -8.32
C ASP C 106 -5.68 -27.10 -8.21
N MSE C 107 -4.78 -26.28 -8.76
CA MSE C 107 -3.35 -26.56 -8.73
C MSE C 107 -2.62 -25.43 -8.06
O MSE C 107 -2.04 -25.61 -6.98
CB MSE C 107 -2.81 -26.76 -10.15
CG MSE C 107 -3.51 -27.83 -10.96
SE MSE C 107 -2.74 -28.10 -12.74
CE MSE C 107 -1.01 -28.90 -12.22
N HIS C 108 -2.62 -24.26 -8.68
CA HIS C 108 -1.80 -23.16 -8.21
C HIS C 108 -1.97 -22.84 -6.72
N PRO C 109 -3.22 -22.70 -6.26
CA PRO C 109 -3.27 -22.30 -4.85
C PRO C 109 -2.66 -23.34 -3.89
N LEU C 110 -2.64 -24.62 -4.28
CA LEU C 110 -2.12 -25.67 -3.39
C LEU C 110 -0.60 -25.59 -3.23
N ASN C 111 0.08 -25.14 -4.27
CA ASN C 111 1.53 -25.11 -4.29
C ASN C 111 2.09 -23.72 -4.05
N ASN C 112 1.22 -22.81 -3.67
CA ASN C 112 1.62 -21.43 -3.42
C ASN C 112 2.62 -21.35 -2.28
N LEU C 113 3.53 -20.39 -2.36
CA LEU C 113 4.60 -20.25 -1.38
C LEU C 113 4.10 -20.23 0.05
N ARG C 114 2.98 -19.56 0.30
CA ARG C 114 2.45 -19.46 1.66
C ARG C 114 1.95 -20.80 2.19
N VAL C 115 1.51 -21.66 1.28
CA VAL C 115 1.00 -22.96 1.67
C VAL C 115 2.17 -23.89 2.01
N LEU C 116 3.23 -23.79 1.23
CA LEU C 116 4.44 -24.54 1.48
C LEU C 116 5.01 -24.21 2.86
N ASN C 117 5.12 -22.91 3.14
CA ASN C 117 5.57 -22.47 4.45
C ASN C 117 4.69 -22.93 5.60
N ARG C 118 3.39 -22.97 5.37
CA ARG C 118 2.45 -23.45 6.39
C ARG C 118 2.69 -24.93 6.67
N LEU C 119 3.07 -25.68 5.63
CA LEU C 119 3.43 -27.08 5.77
C LEU C 119 4.63 -27.21 6.68
N LYS C 120 5.62 -26.34 6.45
CA LYS C 120 6.84 -26.37 7.21
C LYS C 120 6.57 -26.00 8.65
N GLU C 121 5.70 -25.02 8.84
CA GLU C 121 5.51 -24.49 10.18
C GLU C 121 4.65 -25.45 10.99
N GLN C 122 3.55 -25.90 10.40
CA GLN C 122 2.63 -26.73 11.14
C GLN C 122 3.09 -28.17 11.23
N PHE C 123 3.77 -28.67 10.20
CA PHE C 123 4.11 -30.09 10.18
C PHE C 123 5.61 -30.36 10.06
N ASN C 124 6.40 -29.29 10.02
CA ASN C 124 7.84 -29.44 9.93
C ASN C 124 8.24 -30.27 8.72
N ALA C 125 7.62 -29.95 7.59
CA ALA C 125 7.94 -30.67 6.37
C ALA C 125 9.39 -30.39 5.99
N ASN C 126 10.04 -31.39 5.41
CA ASN C 126 11.39 -31.20 4.90
C ASN C 126 11.33 -31.01 3.41
N GLU C 127 12.49 -30.72 2.82
CA GLU C 127 12.58 -30.42 1.39
C GLU C 127 11.89 -31.49 0.59
N GLU C 128 11.99 -32.73 1.08
CA GLU C 128 11.52 -33.88 0.35
C GLU C 128 9.99 -34.05 0.43
N GLN C 129 9.44 -33.81 1.61
CA GLN C 129 8.01 -33.90 1.79
C GLN C 129 7.31 -32.75 1.06
N VAL C 130 7.89 -31.56 1.15
CA VAL C 130 7.38 -30.39 0.44
C VAL C 130 7.34 -30.70 -1.05
N LEU C 131 8.39 -31.35 -1.52
CA LEU C 131 8.51 -31.72 -2.91
C LEU C 131 7.48 -32.77 -3.31
N GLU C 132 7.15 -33.66 -2.39
CA GLU C 132 6.17 -34.69 -2.71
C GLU C 132 4.78 -34.06 -2.79
N TRP C 133 4.51 -33.13 -1.88
CA TRP C 133 3.27 -32.36 -1.88
C TRP C 133 3.08 -31.66 -3.22
N TYR C 134 4.05 -30.82 -3.57
CA TYR C 134 4.05 -30.05 -4.81
C TYR C 134 3.77 -30.94 -6.02
N HIS C 135 4.44 -32.08 -6.06
CA HIS C 135 4.34 -33.00 -7.18
C HIS C 135 3.03 -33.74 -7.18
N HIS C 136 2.47 -33.96 -5.99
CA HIS C 136 1.19 -34.62 -5.91
C HIS C 136 0.13 -33.80 -6.63
N TRP C 137 0.07 -32.51 -6.29
CA TRP C 137 -0.93 -31.61 -6.86
C TRP C 137 -0.69 -31.35 -8.36
N LEU C 138 0.57 -31.21 -8.73
CA LEU C 138 0.93 -31.17 -10.15
C LEU C 138 0.31 -32.33 -10.90
N LYS C 139 0.56 -33.55 -10.42
CA LYS C 139 0.08 -34.72 -11.12
C LYS C 139 -1.44 -34.76 -11.21
N THR C 140 -2.11 -34.61 -10.07
CA THR C 140 -3.57 -34.58 -10.02
C THR C 140 -4.14 -33.58 -11.03
N GLY C 141 -3.51 -32.40 -11.08
CA GLY C 141 -3.97 -31.34 -11.96
C GLY C 141 -3.82 -31.67 -13.43
N PHE C 142 -2.59 -32.00 -13.85
CA PHE C 142 -2.33 -32.31 -15.25
C PHE C 142 -3.08 -33.56 -15.69
N ASP C 143 -3.24 -34.51 -14.78
CA ASP C 143 -4.05 -35.69 -15.09
C ASP C 143 -5.42 -35.24 -15.63
N ALA C 144 -6.14 -34.47 -14.81
CA ALA C 144 -7.46 -33.99 -15.19
C ALA C 144 -7.39 -33.18 -16.47
N PHE C 145 -6.51 -32.18 -16.45
CA PHE C 145 -6.32 -31.30 -17.59
C PHE C 145 -6.02 -32.03 -18.91
N GLU C 146 -5.09 -32.99 -18.87
CA GLU C 146 -4.69 -33.73 -20.08
C GLU C 146 -5.87 -34.53 -20.63
N GLU C 147 -6.61 -35.13 -19.71
CA GLU C 147 -7.81 -35.89 -20.01
C GLU C 147 -8.85 -35.06 -20.77
N LYS C 148 -9.10 -33.86 -20.28
CA LYS C 148 -10.10 -33.01 -20.89
C LYS C 148 -9.61 -32.56 -22.26
N LEU C 149 -8.30 -32.40 -22.38
CA LEU C 149 -7.70 -32.05 -23.67
C LEU C 149 -8.05 -33.05 -24.76
N GLY C 150 -8.00 -34.34 -24.44
CA GLY C 150 -8.20 -35.39 -25.41
C GLY C 150 -9.63 -35.49 -25.87
N ALA C 151 -10.52 -34.76 -25.20
CA ALA C 151 -11.91 -34.72 -25.60
C ALA C 151 -12.19 -33.44 -26.36
N LEU C 152 -11.15 -32.78 -26.82
CA LEU C 152 -11.32 -31.55 -27.59
C LEU C 152 -10.65 -31.66 -28.94
N GLU C 153 -10.99 -30.73 -29.83
CA GLU C 153 -10.42 -30.71 -31.17
C GLU C 153 -9.59 -29.46 -31.43
N ARG C 154 -8.54 -29.62 -32.24
CA ARG C 154 -7.60 -28.53 -32.48
C ARG C 154 -6.85 -28.60 -33.81
N ASP C 155 -6.61 -27.43 -34.40
CA ASP C 155 -5.91 -27.29 -35.66
C ASP C 155 -4.41 -27.27 -35.47
N LYS C 156 -4.00 -26.96 -34.23
CA LYS C 156 -2.60 -26.72 -33.91
C LYS C 156 -2.43 -26.94 -32.42
N PRO C 157 -1.18 -27.08 -31.95
CA PRO C 157 -0.94 -27.22 -30.51
C PRO C 157 -1.37 -25.98 -29.73
N VAL C 158 -2.68 -25.86 -29.55
CA VAL C 158 -3.30 -24.96 -28.61
C VAL C 158 -4.32 -25.85 -27.93
N CYS C 159 -4.85 -25.41 -26.79
CA CYS C 159 -5.83 -26.21 -26.07
C CYS C 159 -7.05 -26.54 -26.93
N PHE C 160 -7.57 -25.54 -27.65
CA PHE C 160 -8.78 -25.72 -28.42
C PHE C 160 -8.79 -24.93 -29.72
N GLY C 161 -9.22 -25.59 -30.80
CA GLY C 161 -9.41 -24.92 -32.07
C GLY C 161 -8.12 -24.50 -32.73
N SER C 162 -8.12 -23.26 -33.25
CA SER C 162 -7.04 -22.77 -34.11
C SER C 162 -6.24 -21.65 -33.46
N GLU C 163 -6.84 -20.94 -32.52
CA GLU C 163 -6.12 -19.83 -31.90
C GLU C 163 -5.90 -20.03 -30.40
N VAL C 164 -4.83 -19.43 -29.88
CA VAL C 164 -4.56 -19.51 -28.46
C VAL C 164 -5.63 -18.77 -27.68
N GLY C 165 -5.96 -19.30 -26.50
CA GLY C 165 -6.96 -18.70 -25.65
C GLY C 165 -6.62 -18.80 -24.17
N LEU C 166 -7.54 -18.34 -23.33
CA LEU C 166 -7.35 -18.31 -21.87
C LEU C 166 -6.79 -19.59 -21.24
N ALA C 167 -7.16 -20.74 -21.79
CA ALA C 167 -6.68 -22.01 -21.27
C ALA C 167 -5.15 -22.18 -21.50
N ASP C 168 -4.67 -21.71 -22.65
CA ASP C 168 -3.24 -21.73 -22.94
C ASP C 168 -2.49 -20.76 -22.04
N VAL C 169 -3.10 -19.60 -21.80
CA VAL C 169 -2.54 -18.57 -20.94
C VAL C 169 -2.28 -19.08 -19.53
N CYS C 170 -3.16 -19.94 -19.06
CA CYS C 170 -2.98 -20.49 -17.73
C CYS C 170 -2.02 -21.68 -17.73
N LEU C 171 -2.11 -22.51 -18.77
CA LEU C 171 -1.33 -23.74 -18.85
C LEU C 171 0.16 -23.48 -18.82
N ILE C 172 0.61 -22.51 -19.62
CA ILE C 172 2.05 -22.31 -19.82
C ILE C 172 2.82 -21.99 -18.54
N PRO C 173 2.35 -21.03 -17.73
CA PRO C 173 3.02 -20.69 -16.47
C PRO C 173 3.01 -21.83 -15.50
N GLN C 174 1.92 -22.61 -15.51
CA GLN C 174 1.87 -23.83 -14.70
C GLN C 174 2.91 -24.87 -15.12
N VAL C 175 3.04 -25.09 -16.43
CA VAL C 175 4.00 -26.05 -16.94
C VAL C 175 5.42 -25.58 -16.62
N TYR C 176 5.60 -24.27 -16.65
CA TYR C 176 6.86 -23.66 -16.24
C TYR C 176 7.18 -24.03 -14.79
N ASN C 177 6.17 -23.98 -13.93
CA ASN C 177 6.37 -24.34 -12.54
C ASN C 177 6.70 -25.81 -12.36
N ALA C 178 6.07 -26.65 -13.18
CA ALA C 178 6.32 -28.08 -13.11
C ALA C 178 7.82 -28.34 -13.40
N HIS C 179 8.37 -27.66 -14.39
CA HIS C 179 9.77 -27.90 -14.77
C HIS C 179 10.75 -27.33 -13.75
N ARG C 180 10.49 -26.12 -13.30
CA ARG C 180 11.32 -25.53 -12.26
C ARG C 180 11.48 -26.49 -11.08
N PHE C 181 10.40 -27.15 -10.71
CA PHE C 181 10.45 -28.12 -9.60
C PHE C 181 10.70 -29.56 -10.05
N HIS C 182 11.24 -29.75 -11.24
CA HIS C 182 11.72 -31.08 -11.65
C HIS C 182 10.65 -32.15 -11.69
N PHE C 183 9.44 -31.76 -12.07
CA PHE C 183 8.35 -32.71 -12.25
C PHE C 183 8.43 -33.31 -13.65
N ASP C 184 8.21 -34.62 -13.74
CA ASP C 184 8.33 -35.32 -15.03
C ASP C 184 7.04 -35.20 -15.84
N MSE C 185 7.14 -34.61 -17.02
CA MSE C 185 5.97 -34.30 -17.83
C MSE C 185 5.66 -35.35 -18.89
O MSE C 185 4.84 -35.10 -19.78
CB MSE C 185 6.18 -32.93 -18.51
CG MSE C 185 6.20 -31.76 -17.54
SE MSE C 185 4.44 -31.45 -16.70
CE MSE C 185 3.36 -31.26 -18.32
N ALA C 186 6.29 -36.50 -18.82
CA ALA C 186 6.17 -37.49 -19.89
C ALA C 186 4.80 -38.16 -20.03
N SER C 187 3.98 -38.14 -18.97
CA SER C 187 2.58 -38.58 -19.08
C SER C 187 1.67 -37.64 -19.88
N TYR C 188 2.16 -36.47 -20.26
CA TYR C 188 1.27 -35.41 -20.78
C TYR C 188 1.66 -34.89 -22.16
N PRO C 189 1.62 -35.76 -23.17
CA PRO C 189 2.02 -35.42 -24.55
C PRO C 189 1.31 -34.18 -25.06
N ILE C 190 -0.01 -34.14 -24.92
CA ILE C 190 -0.81 -33.06 -25.49
C ILE C 190 -0.44 -31.71 -24.87
N ILE C 191 -0.43 -31.66 -23.54
CA ILE C 191 0.08 -30.49 -22.85
C ILE C 191 1.48 -30.12 -23.36
N ASN C 192 2.36 -31.12 -23.43
CA ASN C 192 3.71 -30.91 -23.91
C ASN C 192 3.81 -30.26 -25.29
N GLU C 193 3.08 -30.80 -26.27
CA GLU C 193 3.09 -30.20 -27.60
C GLU C 193 2.60 -28.76 -27.56
N ILE C 194 1.53 -28.54 -26.83
CA ILE C 194 0.92 -27.21 -26.70
C ILE C 194 1.90 -26.24 -26.06
N ASN C 195 2.55 -26.70 -24.99
CA ASN C 195 3.50 -25.85 -24.30
C ASN C 195 4.63 -25.40 -25.22
N GLU C 196 5.28 -26.37 -25.84
CA GLU C 196 6.32 -26.09 -26.83
C GLU C 196 5.81 -25.10 -27.87
N TYR C 197 4.66 -25.38 -28.47
CA TYR C 197 4.14 -24.49 -29.50
C TYR C 197 3.93 -23.04 -29.05
N CYS C 198 3.24 -22.87 -27.92
CA CYS C 198 2.97 -21.51 -27.44
C CYS C 198 4.26 -20.76 -27.19
N LEU C 199 5.25 -21.47 -26.65
CA LEU C 199 6.51 -20.85 -26.30
C LEU C 199 7.26 -20.29 -27.50
N THR C 200 6.93 -20.75 -28.69
CA THR C 200 7.48 -20.17 -29.91
C THR C 200 6.80 -18.86 -30.26
N LEU C 201 5.74 -18.49 -29.53
CA LEU C 201 5.03 -17.27 -29.83
C LEU C 201 5.56 -16.09 -29.00
N PRO C 202 5.79 -14.94 -29.65
CA PRO C 202 6.34 -13.73 -29.04
C PRO C 202 5.57 -13.31 -27.81
N ALA C 203 4.24 -13.46 -27.82
CA ALA C 203 3.43 -13.00 -26.70
C ALA C 203 3.82 -13.77 -25.45
N PHE C 204 3.91 -15.09 -25.60
CA PHE C 204 4.33 -15.96 -24.51
C PHE C 204 5.79 -15.74 -24.21
N HIS C 205 6.61 -15.84 -25.24
CA HIS C 205 8.05 -15.72 -25.07
C HIS C 205 8.41 -14.41 -24.35
N ASP C 206 7.88 -13.30 -24.83
CA ASP C 206 8.20 -12.02 -24.22
C ASP C 206 7.70 -11.94 -22.78
N ALA C 207 6.76 -12.82 -22.43
CA ALA C 207 6.13 -12.78 -21.12
C ALA C 207 6.83 -13.70 -20.12
N ALA C 208 7.63 -14.62 -20.63
CA ALA C 208 8.39 -15.55 -19.78
C ALA C 208 9.24 -14.75 -18.81
N PRO C 209 9.48 -15.30 -17.60
CA PRO C 209 10.15 -14.62 -16.49
C PRO C 209 11.55 -14.09 -16.80
N GLU C 210 12.37 -14.90 -17.46
CA GLU C 210 13.78 -14.55 -17.68
C GLU C 210 13.97 -13.78 -18.98
N LEU D 3 -31.51 -28.32 -18.20
CA LEU D 3 -30.63 -27.96 -17.08
C LEU D 3 -30.81 -28.83 -15.83
N ILE D 4 -29.85 -29.73 -15.61
CA ILE D 4 -29.85 -30.55 -14.41
C ILE D 4 -28.54 -30.41 -13.64
N LEU D 5 -28.66 -30.03 -12.37
CA LEU D 5 -27.51 -29.86 -11.49
C LEU D 5 -27.18 -31.13 -10.70
N TYR D 6 -26.03 -31.72 -10.97
CA TYR D 6 -25.54 -32.80 -10.11
C TYR D 6 -25.05 -32.17 -8.82
N ASP D 7 -25.73 -32.50 -7.73
CA ASP D 7 -25.65 -31.71 -6.50
C ASP D 7 -25.23 -32.55 -5.29
N TYR D 8 -24.77 -31.89 -4.25
CA TYR D 8 -24.57 -32.53 -2.96
C TYR D 8 -24.86 -31.53 -1.86
N PHE D 9 -25.79 -31.86 -0.97
CA PHE D 9 -26.39 -30.89 -0.08
C PHE D 9 -25.38 -30.04 0.68
N ARG D 10 -24.30 -30.67 1.11
CA ARG D 10 -23.32 -30.01 1.95
C ARG D 10 -22.11 -29.54 1.15
N SER D 11 -22.18 -29.61 -0.18
CA SER D 11 -21.09 -29.09 -1.00
C SER D 11 -21.12 -27.56 -1.08
N THR D 12 -20.11 -26.93 -0.48
CA THR D 12 -19.94 -25.49 -0.58
C THR D 12 -20.06 -25.01 -2.01
N ALA D 13 -19.30 -25.62 -2.90
CA ALA D 13 -19.35 -25.30 -4.32
C ALA D 13 -20.75 -25.44 -4.93
N CYS D 14 -21.45 -26.53 -4.61
CA CYS D 14 -22.82 -26.70 -5.09
C CYS D 14 -23.73 -25.60 -4.53
N TYR D 15 -23.58 -25.34 -3.25
CA TYR D 15 -24.34 -24.30 -2.59
C TYR D 15 -24.27 -22.99 -3.41
N ARG D 16 -23.05 -22.60 -3.82
CA ARG D 16 -22.85 -21.39 -4.61
C ARG D 16 -23.75 -21.39 -5.82
N VAL D 17 -23.74 -22.51 -6.52
CA VAL D 17 -24.52 -22.63 -7.74
C VAL D 17 -26.01 -22.63 -7.43
N ARG D 18 -26.42 -23.28 -6.35
CA ARG D 18 -27.82 -23.29 -5.99
C ARG D 18 -28.35 -21.85 -5.80
N ILE D 19 -27.61 -21.06 -5.04
CA ILE D 19 -27.95 -19.66 -4.83
C ILE D 19 -28.06 -18.93 -6.17
N ALA D 20 -27.03 -19.07 -7.00
CA ALA D 20 -27.04 -18.40 -8.31
C ALA D 20 -28.25 -18.79 -9.18
N LEU D 21 -28.65 -20.05 -9.15
CA LEU D 21 -29.79 -20.47 -9.95
C LEU D 21 -31.08 -19.83 -9.42
N ASN D 22 -31.21 -19.80 -8.09
CA ASN D 22 -32.39 -19.22 -7.45
C ASN D 22 -32.46 -17.73 -7.71
N LEU D 23 -31.34 -17.03 -7.53
CA LEU D 23 -31.31 -15.60 -7.74
C LEU D 23 -31.81 -15.20 -9.12
N LYS D 24 -31.47 -16.00 -10.13
CA LYS D 24 -31.81 -15.66 -11.50
C LYS D 24 -33.09 -16.32 -11.91
N LYS D 25 -33.73 -17.01 -10.96
CA LYS D 25 -35.02 -17.60 -11.21
C LYS D 25 -34.99 -18.48 -12.44
N ILE D 26 -33.85 -19.09 -12.68
CA ILE D 26 -33.71 -20.04 -13.78
C ILE D 26 -34.35 -21.35 -13.33
N ALA D 27 -35.08 -21.98 -14.25
CA ALA D 27 -35.70 -23.26 -13.96
C ALA D 27 -34.69 -24.38 -14.10
N TYR D 28 -34.55 -25.19 -13.06
CA TYR D 28 -33.67 -26.35 -13.13
C TYR D 28 -34.20 -27.57 -12.38
N GLU D 29 -33.52 -28.68 -12.62
CA GLU D 29 -33.75 -29.93 -11.91
C GLU D 29 -32.42 -30.26 -11.25
N LYS D 30 -32.45 -30.88 -10.10
CA LYS D 30 -31.21 -31.33 -9.51
C LYS D 30 -31.22 -32.82 -9.22
N ILE D 31 -30.03 -33.43 -9.32
CA ILE D 31 -29.86 -34.83 -8.97
C ILE D 31 -28.89 -34.96 -7.80
N GLU D 32 -29.38 -35.55 -6.70
CA GLU D 32 -28.52 -35.81 -5.56
C GLU D 32 -27.74 -37.09 -5.72
N VAL D 33 -26.45 -37.02 -5.44
CA VAL D 33 -25.58 -38.18 -5.59
C VAL D 33 -25.23 -38.79 -4.23
N GLU D 54 -15.52 -32.70 -8.41
CA GLU D 54 -15.66 -32.57 -9.86
C GLU D 54 -16.95 -33.20 -10.37
N LEU D 55 -17.48 -34.14 -9.60
CA LEU D 55 -18.79 -34.71 -9.91
C LEU D 55 -19.82 -33.62 -9.60
N VAL D 56 -19.54 -32.90 -8.51
CA VAL D 56 -20.45 -31.90 -8.00
C VAL D 56 -19.66 -30.70 -7.50
N PRO D 57 -20.11 -29.48 -7.85
CA PRO D 57 -21.33 -29.33 -8.66
C PRO D 57 -21.05 -29.68 -10.11
N SER D 58 -22.05 -30.21 -10.79
CA SER D 58 -21.90 -30.58 -12.18
C SER D 58 -23.18 -30.23 -12.91
N LEU D 59 -23.06 -29.70 -14.11
CA LEU D 59 -24.25 -29.27 -14.83
C LEU D 59 -24.44 -30.09 -16.10
N ASP D 60 -25.60 -30.73 -16.21
CA ASP D 60 -25.96 -31.46 -17.41
C ASP D 60 -26.88 -30.57 -18.24
N ILE D 61 -26.40 -30.23 -19.43
CA ILE D 61 -27.10 -29.33 -20.34
C ILE D 61 -27.42 -30.10 -21.61
N ASN D 62 -28.56 -30.80 -21.60
CA ASN D 62 -28.95 -31.61 -22.73
C ASN D 62 -27.85 -32.59 -23.13
N GLY D 63 -27.19 -33.20 -22.15
CA GLY D 63 -26.19 -34.22 -22.47
C GLY D 63 -24.75 -33.72 -22.37
N GLN D 64 -24.54 -32.45 -22.69
CA GLN D 64 -23.23 -31.82 -22.48
C GLN D 64 -23.03 -31.49 -20.99
N ILE D 65 -21.84 -31.79 -20.48
CA ILE D 65 -21.58 -31.70 -19.05
C ILE D 65 -20.64 -30.52 -18.76
N LEU D 66 -20.88 -29.81 -17.66
CA LEU D 66 -20.01 -28.69 -17.28
C LEU D 66 -19.67 -28.72 -15.78
N SER D 67 -18.38 -28.64 -15.45
CA SER D 67 -17.95 -28.62 -14.05
C SER D 67 -17.27 -27.31 -13.68
N GLN D 68 -16.88 -27.19 -12.41
CA GLN D 68 -16.30 -25.96 -11.85
C GLN D 68 -17.39 -24.94 -11.57
N SER D 69 -17.62 -24.67 -10.29
CA SER D 69 -18.72 -23.81 -9.87
C SER D 69 -18.61 -22.43 -10.50
N MSE D 70 -17.42 -21.84 -10.48
CA MSE D 70 -17.21 -20.52 -11.08
C MSE D 70 -17.51 -20.49 -12.58
O MSE D 70 -18.04 -19.51 -13.09
CB MSE D 70 -15.79 -20.02 -10.80
CG MSE D 70 -15.45 -19.88 -9.32
SE MSE D 70 -16.84 -18.91 -8.28
CE MSE D 70 -16.56 -17.11 -8.96
N ALA D 71 -17.20 -21.56 -13.30
CA ALA D 71 -17.48 -21.57 -14.74
C ALA D 71 -18.95 -21.87 -15.02
N ILE D 72 -19.60 -22.58 -14.10
CA ILE D 72 -21.03 -22.84 -14.22
C ILE D 72 -21.79 -21.54 -14.00
N ILE D 73 -21.36 -20.79 -13.00
CA ILE D 73 -21.97 -19.51 -12.72
C ILE D 73 -21.76 -18.48 -13.86
N ASP D 74 -20.58 -18.46 -14.45
CA ASP D 74 -20.34 -17.58 -15.58
C ASP D 74 -21.20 -18.00 -16.76
N TYR D 75 -21.48 -19.29 -16.87
CA TYR D 75 -22.29 -19.77 -17.95
C TYR D 75 -23.76 -19.32 -17.80
N LEU D 76 -24.27 -19.41 -16.57
CA LEU D 76 -25.62 -18.97 -16.27
C LEU D 76 -25.82 -17.50 -16.63
N GLU D 77 -24.81 -16.69 -16.31
CA GLU D 77 -24.84 -15.26 -16.58
C GLU D 77 -24.82 -14.99 -18.07
N GLU D 78 -24.16 -15.87 -18.82
CA GLU D 78 -24.04 -15.72 -20.24
C GLU D 78 -25.38 -16.01 -20.91
N ILE D 79 -25.93 -17.18 -20.64
CA ILE D 79 -27.17 -17.61 -21.26
C ILE D 79 -28.40 -16.91 -20.69
N HIS D 80 -28.24 -16.24 -19.55
CA HIS D 80 -29.35 -15.50 -18.95
CA HIS D 80 -29.35 -15.52 -18.92
C HIS D 80 -28.86 -14.21 -18.32
N PRO D 81 -28.61 -13.18 -19.16
CA PRO D 81 -28.20 -11.86 -18.66
C PRO D 81 -29.20 -11.20 -17.67
N GLU D 82 -30.48 -11.56 -17.70
CA GLU D 82 -31.42 -11.03 -16.70
C GLU D 82 -30.99 -11.39 -15.29
N MSE D 83 -31.36 -10.57 -14.30
CA MSE D 83 -30.93 -10.76 -12.92
C MSE D 83 -29.43 -10.89 -12.85
O MSE D 83 -28.91 -11.94 -12.50
CB MSE D 83 -31.54 -12.02 -12.30
CG MSE D 83 -32.64 -11.74 -11.31
SE MSE D 83 -34.22 -11.08 -12.24
CE MSE D 83 -34.66 -12.69 -13.25
N PRO D 84 -28.72 -9.80 -13.17
CA PRO D 84 -27.26 -9.84 -13.28
C PRO D 84 -26.63 -10.05 -11.91
N LEU D 85 -25.59 -10.87 -11.84
CA LEU D 85 -24.91 -11.08 -10.57
C LEU D 85 -23.74 -10.14 -10.42
N LEU D 86 -23.41 -9.43 -11.50
CA LEU D 86 -22.33 -8.46 -11.49
C LEU D 86 -22.82 -7.09 -11.94
N PRO D 87 -22.16 -6.01 -11.50
CA PRO D 87 -22.54 -4.69 -12.02
C PRO D 87 -22.05 -4.48 -13.46
N LYS D 88 -22.49 -3.39 -14.07
CA LYS D 88 -22.16 -3.07 -15.45
C LYS D 88 -20.82 -2.37 -15.63
N ASP D 89 -20.39 -1.62 -14.63
CA ASP D 89 -19.07 -0.97 -14.69
C ASP D 89 -17.95 -2.00 -14.73
N PRO D 90 -17.13 -1.97 -15.78
CA PRO D 90 -16.11 -3.02 -15.93
C PRO D 90 -15.23 -3.17 -14.70
N PHE D 91 -14.83 -2.06 -14.10
CA PHE D 91 -13.96 -2.10 -12.95
C PHE D 91 -14.59 -2.82 -11.76
N MSE D 92 -15.85 -2.50 -11.47
CA MSE D 92 -16.53 -3.08 -10.32
C MSE D 92 -16.90 -4.53 -10.57
O MSE D 92 -16.75 -5.38 -9.68
CB MSE D 92 -17.78 -2.28 -9.99
CG MSE D 92 -17.50 -1.02 -9.21
SE MSE D 92 -16.31 -1.30 -7.67
CE MSE D 92 -17.42 -2.48 -6.58
N LYS D 93 -17.40 -4.81 -11.76
CA LYS D 93 -17.61 -6.19 -12.17
C LYS D 93 -16.36 -7.00 -11.81
N ALA D 94 -15.20 -6.53 -12.24
CA ALA D 94 -13.95 -7.25 -11.98
C ALA D 94 -13.60 -7.25 -10.51
N THR D 95 -13.77 -6.12 -9.84
CA THR D 95 -13.51 -6.05 -8.41
C THR D 95 -14.29 -7.12 -7.64
N LEU D 96 -15.57 -7.25 -7.95
CA LEU D 96 -16.39 -8.21 -7.23
C LEU D 96 -16.01 -9.64 -7.61
N LYS D 97 -15.65 -9.84 -8.87
CA LYS D 97 -15.23 -11.15 -9.33
C LYS D 97 -13.95 -11.53 -8.59
N SER D 98 -13.12 -10.55 -8.32
CA SER D 98 -11.90 -10.82 -7.59
C SER D 98 -12.18 -11.19 -6.14
N MSE D 99 -13.19 -10.56 -5.54
CA MSE D 99 -13.54 -10.97 -4.18
C MSE D 99 -14.16 -12.36 -4.16
O MSE D 99 -13.96 -13.13 -3.22
CB MSE D 99 -14.46 -9.96 -3.50
CG MSE D 99 -13.76 -8.66 -3.19
SE MSE D 99 -15.02 -7.18 -3.16
CE MSE D 99 -16.01 -7.71 -1.55
N ALA D 100 -14.92 -12.68 -5.21
CA ALA D 100 -15.44 -14.04 -5.33
C ALA D 100 -14.30 -15.06 -5.43
N LEU D 101 -13.23 -14.67 -6.11
CA LEU D 101 -12.07 -15.55 -6.30
C LEU D 101 -11.25 -15.69 -5.02
N ILE D 102 -11.37 -14.73 -4.11
CA ILE D 102 -10.68 -14.89 -2.84
C ILE D 102 -11.21 -16.17 -2.20
N VAL D 103 -12.53 -16.32 -2.22
CA VAL D 103 -13.20 -17.48 -1.67
C VAL D 103 -12.99 -18.72 -2.52
N ALA D 104 -13.24 -18.58 -3.83
CA ALA D 104 -13.22 -19.70 -4.75
C ALA D 104 -11.83 -20.28 -4.98
N CYS D 105 -10.80 -19.43 -4.91
CA CYS D 105 -9.44 -19.83 -5.23
C CYS D 105 -8.48 -19.79 -4.05
N ASP D 106 -8.58 -18.75 -3.23
CA ASP D 106 -7.65 -18.55 -2.13
C ASP D 106 -8.09 -19.15 -0.78
N MSE D 107 -9.28 -19.74 -0.73
CA MSE D 107 -9.73 -20.26 0.55
C MSE D 107 -10.21 -21.67 0.37
O MSE D 107 -9.66 -22.61 0.93
CB MSE D 107 -10.88 -19.43 1.13
CG MSE D 107 -10.48 -18.14 1.81
SE MSE D 107 -12.07 -17.03 2.25
CE MSE D 107 -12.62 -17.89 3.93
N HIS D 108 -11.27 -21.84 -0.39
CA HIS D 108 -11.94 -23.11 -0.41
C HIS D 108 -11.07 -24.29 -0.85
N PRO D 109 -10.25 -24.10 -1.90
CA PRO D 109 -9.40 -25.21 -2.35
C PRO D 109 -8.50 -25.73 -1.24
N LEU D 110 -7.95 -24.83 -0.44
CA LEU D 110 -7.06 -25.22 0.62
C LEU D 110 -7.72 -26.09 1.70
N ASN D 111 -9.05 -26.05 1.79
CA ASN D 111 -9.78 -26.75 2.84
C ASN D 111 -10.63 -27.89 2.31
N ASN D 112 -10.58 -28.09 0.99
CA ASN D 112 -11.25 -29.22 0.36
C ASN D 112 -10.90 -30.54 1.06
N LEU D 113 -11.87 -31.46 1.15
CA LEU D 113 -11.62 -32.73 1.85
C LEU D 113 -10.33 -33.45 1.39
N ARG D 114 -10.08 -33.46 0.08
CA ARG D 114 -8.90 -34.13 -0.48
C ARG D 114 -7.58 -33.54 0.00
N VAL D 115 -7.60 -32.27 0.40
CA VAL D 115 -6.40 -31.65 0.91
C VAL D 115 -6.21 -32.07 2.35
N LEU D 116 -7.28 -31.99 3.13
CA LEU D 116 -7.22 -32.40 4.52
C LEU D 116 -6.75 -33.88 4.64
N ASN D 117 -7.25 -34.73 3.73
CA ASN D 117 -6.82 -36.12 3.72
C ASN D 117 -5.33 -36.25 3.45
N ARG D 118 -4.86 -35.46 2.49
CA ARG D 118 -3.44 -35.43 2.18
C ARG D 118 -2.67 -35.19 3.46
N LEU D 119 -3.18 -34.27 4.28
CA LEU D 119 -2.51 -33.95 5.53
C LEU D 119 -2.50 -35.15 6.47
N LYS D 120 -3.65 -35.82 6.58
CA LYS D 120 -3.74 -37.02 7.41
C LYS D 120 -2.80 -38.09 6.89
N GLU D 121 -2.77 -38.25 5.57
CA GLU D 121 -2.00 -39.33 4.98
C GLU D 121 -0.53 -39.01 4.99
N GLN D 122 -0.15 -37.87 4.43
CA GLN D 122 1.26 -37.52 4.32
C GLN D 122 1.89 -37.06 5.63
N PHE D 123 1.10 -36.42 6.48
CA PHE D 123 1.64 -35.96 7.76
C PHE D 123 0.88 -36.54 8.94
N ASN D 124 0.02 -37.52 8.64
CA ASN D 124 -0.87 -38.09 9.64
C ASN D 124 -1.19 -37.05 10.70
N ALA D 125 -1.75 -35.95 10.20
CA ALA D 125 -2.23 -34.87 11.04
C ALA D 125 -3.40 -35.39 11.84
N ASN D 126 -3.48 -35.00 13.11
CA ASN D 126 -4.62 -35.40 13.91
C ASN D 126 -5.75 -34.41 13.75
N GLU D 127 -6.95 -34.79 14.18
CA GLU D 127 -8.13 -33.95 14.06
C GLU D 127 -7.88 -32.53 14.53
N GLU D 128 -7.09 -32.36 15.59
CA GLU D 128 -6.81 -31.02 16.08
C GLU D 128 -6.01 -30.22 15.06
N GLN D 129 -5.22 -30.91 14.25
CA GLN D 129 -4.32 -30.22 13.33
C GLN D 129 -5.02 -29.87 12.03
N VAL D 130 -5.87 -30.78 11.58
CA VAL D 130 -6.66 -30.53 10.39
C VAL D 130 -7.48 -29.28 10.62
N LEU D 131 -8.11 -29.19 11.79
CA LEU D 131 -8.91 -28.03 12.13
C LEU D 131 -8.10 -26.73 12.25
N GLU D 132 -6.85 -26.80 12.70
CA GLU D 132 -6.03 -25.60 12.88
C GLU D 132 -5.62 -25.00 11.53
N TRP D 133 -5.39 -25.89 10.58
CA TRP D 133 -5.16 -25.56 9.20
C TRP D 133 -6.44 -24.94 8.59
N TYR D 134 -7.57 -25.59 8.84
CA TYR D 134 -8.85 -25.08 8.37
C TYR D 134 -9.07 -23.62 8.79
N HIS D 135 -8.80 -23.31 10.05
CA HIS D 135 -9.03 -21.97 10.58
C HIS D 135 -8.01 -20.97 10.08
N HIS D 136 -6.79 -21.43 9.85
CA HIS D 136 -5.79 -20.54 9.30
C HIS D 136 -6.27 -19.94 7.97
N TRP D 137 -6.78 -20.81 7.10
CA TRP D 137 -7.18 -20.39 5.77
C TRP D 137 -8.49 -19.61 5.76
N LEU D 138 -9.36 -19.92 6.72
CA LEU D 138 -10.57 -19.13 6.91
C LEU D 138 -10.21 -17.72 7.33
N LYS D 139 -9.32 -17.59 8.31
CA LYS D 139 -8.92 -16.27 8.82
C LYS D 139 -8.18 -15.48 7.76
N THR D 140 -7.23 -16.15 7.12
CA THR D 140 -6.47 -15.56 6.04
C THR D 140 -7.44 -14.97 5.02
N GLY D 141 -8.38 -15.80 4.58
CA GLY D 141 -9.36 -15.38 3.59
C GLY D 141 -10.37 -14.35 4.05
N PHE D 142 -10.92 -14.51 5.24
CA PHE D 142 -11.87 -13.54 5.75
C PHE D 142 -11.20 -12.18 6.02
N ASP D 143 -9.97 -12.19 6.54
CA ASP D 143 -9.22 -10.95 6.75
C ASP D 143 -9.19 -10.11 5.49
N ALA D 144 -8.88 -10.74 4.37
CA ALA D 144 -8.74 -10.04 3.10
C ALA D 144 -10.09 -9.57 2.54
N PHE D 145 -11.06 -10.47 2.51
CA PHE D 145 -12.40 -10.13 2.05
C PHE D 145 -12.98 -8.94 2.82
N GLU D 146 -12.96 -9.02 4.15
CA GLU D 146 -13.44 -7.94 5.00
C GLU D 146 -12.77 -6.61 4.66
N GLU D 147 -11.44 -6.64 4.48
CA GLU D 147 -10.70 -5.43 4.18
C GLU D 147 -11.10 -4.80 2.83
N LYS D 148 -11.33 -5.62 1.81
CA LYS D 148 -11.82 -5.11 0.54
C LYS D 148 -13.24 -4.57 0.72
N LEU D 149 -13.95 -5.17 1.67
CA LEU D 149 -15.31 -4.78 1.98
C LEU D 149 -15.42 -3.35 2.53
N GLY D 150 -14.42 -2.95 3.31
CA GLY D 150 -14.44 -1.63 3.93
C GLY D 150 -14.28 -0.51 2.92
N ALA D 151 -13.72 -0.84 1.75
CA ALA D 151 -13.48 0.14 0.71
C ALA D 151 -14.68 0.38 -0.19
N LEU D 152 -15.73 -0.42 -0.05
CA LEU D 152 -16.91 -0.30 -0.92
C LEU D 152 -18.08 0.37 -0.23
N GLU D 153 -18.96 0.95 -1.03
CA GLU D 153 -20.15 1.60 -0.53
C GLU D 153 -21.36 0.72 -0.78
N ARG D 154 -22.14 0.49 0.27
CA ARG D 154 -23.37 -0.31 0.17
C ARG D 154 -24.60 0.42 0.72
N ASP D 155 -25.72 0.30 0.00
CA ASP D 155 -26.94 0.93 0.40
C ASP D 155 -27.72 0.02 1.35
N LYS D 156 -27.18 -1.19 1.53
CA LYS D 156 -27.78 -2.19 2.41
C LYS D 156 -26.72 -3.27 2.62
N PRO D 157 -27.02 -4.29 3.45
CA PRO D 157 -25.99 -5.28 3.78
C PRO D 157 -25.77 -6.29 2.66
N VAL D 158 -25.03 -5.85 1.65
CA VAL D 158 -24.56 -6.69 0.56
C VAL D 158 -23.16 -6.25 0.25
N CYS D 159 -22.47 -6.99 -0.60
CA CYS D 159 -21.07 -6.69 -0.88
C CYS D 159 -20.90 -5.31 -1.50
N PHE D 160 -21.84 -4.91 -2.34
CA PHE D 160 -21.72 -3.62 -3.01
C PHE D 160 -23.02 -3.12 -3.62
N GLY D 161 -23.26 -1.82 -3.49
CA GLY D 161 -24.45 -1.22 -4.07
C GLY D 161 -25.74 -1.54 -3.32
N SER D 162 -26.77 -1.91 -4.08
CA SER D 162 -28.09 -2.20 -3.50
C SER D 162 -28.67 -3.53 -3.99
N GLU D 163 -27.83 -4.35 -4.60
CA GLU D 163 -28.27 -5.57 -5.25
C GLU D 163 -27.34 -6.73 -4.83
N VAL D 164 -27.91 -7.90 -4.54
CA VAL D 164 -27.10 -9.09 -4.27
C VAL D 164 -26.40 -9.55 -5.56
N GLY D 165 -25.20 -10.11 -5.43
CA GLY D 165 -24.44 -10.53 -6.60
C GLY D 165 -23.41 -11.62 -6.36
N LEU D 166 -22.46 -11.78 -7.28
CA LEU D 166 -21.45 -12.85 -7.22
C LEU D 166 -20.73 -12.94 -5.88
N ALA D 167 -20.17 -11.83 -5.42
CA ALA D 167 -19.45 -11.83 -4.15
C ALA D 167 -20.28 -12.39 -2.97
N ASP D 168 -21.58 -12.04 -2.93
CA ASP D 168 -22.46 -12.49 -1.86
C ASP D 168 -22.72 -13.99 -2.06
N VAL D 169 -22.94 -14.39 -3.30
CA VAL D 169 -23.18 -15.77 -3.64
C VAL D 169 -22.04 -16.66 -3.14
N CYS D 170 -20.81 -16.15 -3.20
CA CYS D 170 -19.64 -16.94 -2.79
C CYS D 170 -19.37 -16.81 -1.32
N LEU D 171 -19.75 -15.66 -0.77
CA LEU D 171 -19.51 -15.39 0.63
C LEU D 171 -20.35 -16.25 1.56
N ILE D 172 -21.66 -16.28 1.35
CA ILE D 172 -22.56 -16.97 2.29
C ILE D 172 -22.17 -18.44 2.57
N PRO D 173 -21.98 -19.25 1.51
CA PRO D 173 -21.54 -20.63 1.73
C PRO D 173 -20.21 -20.72 2.48
N GLN D 174 -19.32 -19.76 2.27
CA GLN D 174 -18.02 -19.84 2.94
C GLN D 174 -18.17 -19.52 4.43
N VAL D 175 -19.01 -18.54 4.75
CA VAL D 175 -19.31 -18.23 6.15
C VAL D 175 -19.98 -19.41 6.81
N TYR D 176 -20.74 -20.15 6.02
CA TYR D 176 -21.39 -21.34 6.49
C TYR D 176 -20.37 -22.39 6.94
N ASN D 177 -19.36 -22.67 6.11
CA ASN D 177 -18.29 -23.58 6.51
C ASN D 177 -17.61 -23.10 7.80
N ALA D 178 -17.41 -21.80 7.90
CA ALA D 178 -16.79 -21.23 9.10
C ALA D 178 -17.55 -21.62 10.38
N HIS D 179 -18.88 -21.52 10.35
CA HIS D 179 -19.67 -21.89 11.51
C HIS D 179 -19.65 -23.38 11.72
N ARG D 180 -19.72 -24.14 10.62
CA ARG D 180 -19.71 -25.58 10.71
C ARG D 180 -18.45 -26.10 11.38
N PHE D 181 -17.36 -25.39 11.22
CA PHE D 181 -16.09 -25.82 11.78
C PHE D 181 -15.71 -24.93 12.93
N HIS D 182 -16.73 -24.32 13.53
CA HIS D 182 -16.57 -23.66 14.82
C HIS D 182 -15.45 -22.64 14.79
N PHE D 183 -15.47 -21.79 13.76
CA PHE D 183 -14.52 -20.71 13.63
C PHE D 183 -15.23 -19.41 14.00
N ASP D 184 -14.54 -18.58 14.79
CA ASP D 184 -15.16 -17.36 15.36
C ASP D 184 -15.17 -16.14 14.42
N MSE D 185 -16.36 -15.76 13.97
CA MSE D 185 -16.53 -14.68 13.01
C MSE D 185 -16.43 -13.30 13.63
O MSE D 185 -16.52 -12.28 12.92
CB MSE D 185 -17.86 -14.79 12.28
CG MSE D 185 -17.97 -16.02 11.38
SE MSE D 185 -16.49 -16.14 10.11
CE MSE D 185 -16.90 -14.59 8.98
N ALA D 186 -16.25 -13.26 14.94
CA ALA D 186 -16.33 -11.99 15.67
C ALA D 186 -15.63 -10.84 14.94
N SER D 187 -14.54 -11.16 14.25
CA SER D 187 -13.66 -10.15 13.67
C SER D 187 -14.18 -9.59 12.35
N TYR D 188 -15.38 -9.98 11.93
CA TYR D 188 -15.85 -9.66 10.59
C TYR D 188 -17.26 -9.11 10.56
N PRO D 189 -17.42 -7.89 11.11
CA PRO D 189 -18.70 -7.18 11.26
C PRO D 189 -19.45 -7.03 9.94
N ILE D 190 -18.78 -6.51 8.92
CA ILE D 190 -19.41 -6.27 7.63
C ILE D 190 -19.84 -7.56 6.93
N ILE D 191 -19.02 -8.60 7.07
CA ILE D 191 -19.37 -9.91 6.54
C ILE D 191 -20.59 -10.44 7.27
N ASN D 192 -20.55 -10.40 8.59
CA ASN D 192 -21.61 -10.97 9.41
C ASN D 192 -22.97 -10.37 9.10
N GLU D 193 -22.98 -9.06 8.85
CA GLU D 193 -24.21 -8.35 8.50
C GLU D 193 -24.72 -8.83 7.15
N ILE D 194 -23.80 -8.91 6.19
CA ILE D 194 -24.15 -9.36 4.84
C ILE D 194 -24.70 -10.77 4.86
N ASN D 195 -24.01 -11.65 5.57
CA ASN D 195 -24.46 -13.02 5.71
C ASN D 195 -25.86 -13.05 6.30
N GLU D 196 -26.08 -12.24 7.31
CA GLU D 196 -27.38 -12.18 7.97
C GLU D 196 -28.45 -11.69 7.00
N TYR D 197 -28.16 -10.58 6.34
CA TYR D 197 -29.14 -10.07 5.40
C TYR D 197 -29.46 -11.08 4.29
N CYS D 198 -28.40 -11.63 3.68
CA CYS D 198 -28.59 -12.57 2.58
C CYS D 198 -29.39 -13.78 2.98
N LEU D 199 -29.26 -14.17 4.24
CA LEU D 199 -29.96 -15.36 4.70
C LEU D 199 -31.45 -15.09 4.93
N THR D 200 -31.86 -13.82 4.98
CA THR D 200 -33.27 -13.49 5.07
C THR D 200 -33.92 -13.53 3.69
N LEU D 201 -33.11 -13.81 2.66
CA LEU D 201 -33.62 -13.90 1.29
C LEU D 201 -33.91 -15.33 0.88
N PRO D 202 -35.09 -15.57 0.28
CA PRO D 202 -35.50 -16.94 -0.06
C PRO D 202 -34.53 -17.64 -0.99
N ALA D 203 -33.94 -16.89 -1.91
CA ALA D 203 -32.98 -17.46 -2.85
C ALA D 203 -31.80 -18.12 -2.12
N PHE D 204 -31.26 -17.44 -1.12
CA PHE D 204 -30.16 -17.99 -0.34
C PHE D 204 -30.71 -19.06 0.57
N HIS D 205 -31.77 -18.71 1.28
CA HIS D 205 -32.35 -19.59 2.27
C HIS D 205 -32.75 -20.94 1.71
N ASP D 206 -33.33 -20.96 0.52
CA ASP D 206 -33.81 -22.21 -0.06
C ASP D 206 -32.65 -23.03 -0.64
N ALA D 207 -31.47 -22.44 -0.65
CA ALA D 207 -30.29 -23.11 -1.22
C ALA D 207 -29.44 -23.76 -0.13
N ALA D 208 -29.71 -23.42 1.13
CA ALA D 208 -28.87 -23.90 2.23
C ALA D 208 -28.85 -25.42 2.31
N PRO D 209 -27.77 -25.97 2.81
CA PRO D 209 -27.64 -27.40 2.98
C PRO D 209 -28.83 -28.01 3.73
N GLU D 210 -29.21 -27.40 4.82
CA GLU D 210 -30.32 -27.88 5.62
C GLU D 210 -31.65 -27.85 4.87
N ALA D 211 -31.87 -26.85 4.05
CA ALA D 211 -33.03 -26.83 3.18
C ALA D 211 -32.95 -27.89 2.10
N ILE D 212 -31.78 -28.11 1.53
CA ILE D 212 -31.65 -29.13 0.50
C ILE D 212 -31.90 -30.47 1.15
N SER D 213 -31.78 -30.50 2.46
CA SER D 213 -31.81 -31.75 3.19
C SER D 213 -33.22 -32.22 3.40
N SER D 214 -34.11 -31.31 3.75
CA SER D 214 -35.50 -31.62 3.64
C SER D 214 -35.76 -32.49 2.41
#